data_5NH0
#
_entry.id   5NH0
#
_cell.length_a   133.650
_cell.length_b   211.290
_cell.length_c   118.260
_cell.angle_alpha   90.00
_cell.angle_beta   90.00
_cell.angle_gamma   90.00
#
_symmetry.space_group_name_H-M   'C 2 2 21'
#
loop_
_entity.id
_entity.type
_entity.pdbx_description
1 polymer '3C-like proteinase'
2 non-polymer '~{tert}-butyl ~{N}-[(2~{S},3~{R})-3-oxidanyl-4-oxidanylidene-1-[(3~{S})-2-oxidanylidenepyrrolidin-3-yl]-4-[(phenylmethyl)amino]butan-2-yl]carbamate'
3 non-polymer 'DIMETHYL SULFOXIDE'
4 non-polymer GLYCEROL
5 water water
#
_entity_poly.entity_id   1
_entity_poly.type   'polypeptide(L)'
_entity_poly.pdbx_seq_one_letter_code
;SGLKKMAQPSGCVERCVVRVCYGSTVLNGVWLGDTVTCPRHVIAPSTTVLIDYDHAYSTMRLHNFSVSHNGVFLGVVGVT
MHGSVLRIKVSQSNVHTPKHVFKTLKPGDSFNILACYEGIASGVFGVNLRTNFTIKGSFINGACGSPGYNVRNDGTVEFC
YLHQIELGSGAHVGSDFTGSVYGNFDDQPSLQVESANLMLSDNVVAFLYAALLNGCRWWLCSTRVNVDGFNEWAMANGYT
SVSSVECYSILAAKTGVSVEQLLASIQHLHEGFGGKNILGYSSLCDEFTLAEVVKQMYGV
;
_entity_poly.pdbx_strand_id   A,B,C
#
# COMPACT_ATOMS: atom_id res chain seq x y z
N SER A 1 26.85 -9.52 20.71
CA SER A 1 27.56 -8.38 21.29
C SER A 1 28.60 -7.77 20.34
N GLY A 2 29.25 -6.70 20.81
CA GLY A 2 30.22 -5.94 20.04
C GLY A 2 29.57 -4.67 19.44
N LEU A 3 30.42 -3.81 18.89
CA LEU A 3 30.00 -2.57 18.30
C LEU A 3 30.94 -2.33 17.14
N LYS A 4 30.43 -2.16 15.92
CA LYS A 4 31.27 -2.03 14.75
C LYS A 4 30.57 -1.05 13.85
N LYS A 5 31.38 -0.18 13.24
CA LYS A 5 30.85 0.81 12.34
C LYS A 5 30.52 0.08 11.05
N MET A 6 29.27 0.13 10.67
CA MET A 6 28.77 -0.61 9.52
C MET A 6 28.16 0.30 8.50
N ALA A 7 28.09 -0.17 7.28
CA ALA A 7 27.29 0.50 6.26
C ALA A 7 25.97 -0.27 6.04
N GLN A 8 24.94 0.44 5.64
CA GLN A 8 23.78 -0.24 5.17
C GLN A 8 24.08 -0.80 3.78
N PRO A 9 23.47 -1.97 3.46
CA PRO A 9 23.86 -2.67 2.30
C PRO A 9 23.66 -1.80 1.04
N SER A 10 24.54 -2.01 0.07
CA SER A 10 24.73 -1.07 -1.00
C SER A 10 24.09 -1.51 -2.31
N GLY A 11 23.47 -2.70 -2.39
CA GLY A 11 22.86 -3.16 -3.65
C GLY A 11 21.88 -2.22 -4.40
N CYS A 12 20.91 -1.70 -3.68
CA CYS A 12 19.95 -0.79 -4.25
C CYS A 12 20.63 0.46 -4.85
N VAL A 13 21.77 0.89 -4.32
CA VAL A 13 22.47 2.07 -4.86
C VAL A 13 23.46 1.74 -5.97
N GLU A 14 24.07 0.55 -5.90
CA GLU A 14 25.14 0.21 -6.82
C GLU A 14 24.75 0.31 -8.30
N ARG A 15 23.51 -0.08 -8.53
CA ARG A 15 23.02 -0.11 -9.88
C ARG A 15 22.55 1.26 -10.34
N CYS A 16 22.71 2.31 -9.55
CA CYS A 16 22.44 3.66 -9.95
C CYS A 16 23.68 4.44 -10.29
N VAL A 17 24.85 3.83 -10.19
CA VAL A 17 26.05 4.54 -10.50
C VAL A 17 26.45 4.49 -11.98
N VAL A 18 26.83 5.61 -12.57
CA VAL A 18 27.33 5.61 -13.95
C VAL A 18 28.59 6.42 -14.12
N ARG A 19 29.25 6.18 -15.23
CA ARG A 19 30.44 6.89 -15.62
C ARG A 19 30.08 8.10 -16.51
N VAL A 20 30.52 9.30 -16.12
CA VAL A 20 30.23 10.49 -16.87
C VAL A 20 31.52 11.15 -17.31
N CYS A 21 31.64 11.33 -18.62
CA CYS A 21 32.82 11.90 -19.21
C CYS A 21 32.43 13.17 -19.96
N TYR A 22 33.18 14.26 -19.73
CA TYR A 22 33.09 15.45 -20.55
C TYR A 22 34.49 15.80 -20.93
N GLY A 23 34.76 15.75 -22.23
CA GLY A 23 36.07 16.10 -22.74
C GLY A 23 36.95 14.97 -22.36
N SER A 24 37.96 15.25 -21.57
CA SER A 24 38.81 14.20 -21.02
C SER A 24 38.60 14.05 -19.47
N THR A 25 37.67 14.77 -18.84
CA THR A 25 37.40 14.62 -17.42
C THR A 25 36.37 13.48 -17.21
N VAL A 26 36.69 12.55 -16.33
CA VAL A 26 35.82 11.44 -15.98
C VAL A 26 35.47 11.44 -14.48
N LEU A 27 34.19 11.30 -14.16
CA LEU A 27 33.78 11.13 -12.78
C LEU A 27 32.53 10.29 -12.73
N ASN A 28 31.88 10.24 -11.58
CA ASN A 28 30.69 9.42 -11.46
C ASN A 28 29.43 10.27 -11.47
N GLY A 29 28.33 9.66 -11.84
CA GLY A 29 27.01 10.26 -11.64
C GLY A 29 26.01 9.22 -11.19
N VAL A 30 24.82 9.68 -10.81
CA VAL A 30 23.79 8.87 -10.26
C VAL A 30 22.51 8.95 -11.14
N TRP A 31 22.13 7.77 -11.62
CA TRP A 31 21.16 7.54 -12.61
C TRP A 31 19.89 7.03 -11.92
N LEU A 32 18.91 7.90 -11.85
CA LEU A 32 17.63 7.62 -11.30
C LEU A 32 16.55 8.06 -12.32
N GLY A 33 15.66 7.14 -12.72
CA GLY A 33 14.73 7.44 -13.79
C GLY A 33 15.56 7.71 -15.05
N ASP A 34 15.20 8.80 -15.72
CA ASP A 34 15.95 9.18 -16.95
C ASP A 34 16.80 10.41 -16.71
N THR A 35 17.25 10.56 -15.46
CA THR A 35 18.14 11.65 -15.08
C THR A 35 19.42 11.15 -14.41
N VAL A 36 20.55 11.73 -14.80
CA VAL A 36 21.82 11.47 -14.19
C VAL A 36 22.28 12.71 -13.49
N THR A 37 22.48 12.66 -12.16
CA THR A 37 23.04 13.80 -11.42
C THR A 37 24.54 13.59 -11.25
N CYS A 38 25.32 14.65 -11.47
CA CYS A 38 26.76 14.58 -11.29
C CYS A 38 27.30 15.93 -10.92
N PRO A 39 28.50 15.98 -10.40
CA PRO A 39 29.06 17.32 -10.09
C PRO A 39 29.38 18.14 -11.33
N ARG A 40 29.08 19.41 -11.24
CA ARG A 40 29.23 20.30 -12.39
C ARG A 40 30.67 20.54 -12.80
N HIS A 41 31.64 20.26 -11.94
CA HIS A 41 32.99 20.43 -12.41
C HIS A 41 33.50 19.47 -13.43
N VAL A 42 32.68 18.47 -13.79
CA VAL A 42 33.00 17.63 -14.92
C VAL A 42 33.17 18.51 -16.23
N ILE A 43 32.47 19.65 -16.34
CA ILE A 43 32.64 20.56 -17.49
C ILE A 43 33.66 21.65 -17.30
N ALA A 44 34.43 21.59 -16.22
CA ALA A 44 35.44 22.61 -15.95
C ALA A 44 36.55 22.47 -16.93
N PRO A 45 37.04 23.60 -17.47
CA PRO A 45 38.18 23.53 -18.39
C PRO A 45 39.51 23.16 -17.71
N SER A 46 39.64 23.39 -16.41
CA SER A 46 40.89 23.14 -15.70
C SER A 46 40.52 23.20 -14.21
N THR A 47 41.00 22.22 -13.45
CA THR A 47 40.76 22.18 -11.99
C THR A 47 41.88 22.92 -11.16
N THR A 48 42.79 23.67 -11.83
CA THR A 48 43.86 24.43 -11.13
C THR A 48 43.54 25.94 -10.93
N VAL A 49 42.84 26.58 -11.87
CA VAL A 49 42.54 28.06 -11.85
C VAL A 49 41.06 28.30 -11.51
N LEU A 50 40.70 29.52 -11.12
CA LEU A 50 39.29 29.83 -10.77
C LEU A 50 38.34 29.58 -11.97
N ILE A 51 37.17 29.00 -11.72
CA ILE A 51 36.28 28.54 -12.80
C ILE A 51 35.08 29.45 -12.92
N ASP A 52 34.82 29.97 -14.12
CA ASP A 52 33.56 30.68 -14.39
C ASP A 52 32.54 29.63 -14.85
N TYR A 53 31.66 29.23 -13.93
CA TYR A 53 30.77 28.12 -14.25
C TYR A 53 29.68 28.49 -15.22
N ASP A 54 29.16 29.70 -15.05
CA ASP A 54 28.16 30.32 -15.94
C ASP A 54 28.65 30.27 -17.40
N HIS A 55 29.89 30.70 -17.62
CA HIS A 55 30.48 30.60 -18.92
C HIS A 55 30.68 29.16 -19.39
N ALA A 56 31.15 28.29 -18.51
CA ALA A 56 31.43 26.90 -18.93
C ALA A 56 30.14 26.18 -19.30
N TYR A 57 29.07 26.44 -18.57
CA TYR A 57 27.76 25.87 -18.89
C TYR A 57 27.16 26.48 -20.19
N SER A 58 27.29 27.77 -20.35
CA SER A 58 26.76 28.44 -21.59
C SER A 58 27.46 27.99 -22.83
N THR A 59 28.79 27.83 -22.77
CA THR A 59 29.54 27.28 -23.89
C THR A 59 29.60 25.75 -23.96
N MET A 60 28.97 25.03 -23.05
CA MET A 60 29.07 23.57 -23.04
C MET A 60 28.41 23.01 -24.29
N ARG A 61 29.04 21.99 -24.90
CA ARG A 61 28.39 21.25 -25.97
C ARG A 61 28.07 19.81 -25.65
N LEU A 62 26.85 19.40 -25.94
CA LEU A 62 26.40 18.04 -25.66
C LEU A 62 27.26 16.94 -26.27
N HIS A 63 27.79 17.18 -27.45
CA HIS A 63 28.59 16.17 -28.17
C HIS A 63 29.86 15.82 -27.40
N ASN A 64 30.31 16.69 -26.49
CA ASN A 64 31.44 16.33 -25.61
C ASN A 64 31.15 15.37 -24.44
N PHE A 65 29.88 15.17 -24.06
CA PHE A 65 29.53 14.20 -23.03
C PHE A 65 29.58 12.78 -23.57
N SER A 66 30.03 11.85 -22.76
CA SER A 66 29.87 10.40 -22.99
C SER A 66 29.50 9.76 -21.64
N VAL A 67 28.33 9.17 -21.57
CA VAL A 67 27.80 8.58 -20.37
C VAL A 67 27.58 7.08 -20.65
N SER A 68 28.13 6.20 -19.77
CA SER A 68 28.06 4.76 -19.82
C SER A 68 27.91 4.08 -18.41
N HIS A 69 27.55 2.78 -18.43
CA HIS A 69 27.62 1.84 -17.32
C HIS A 69 28.21 0.52 -17.72
N ASN A 70 29.40 0.20 -17.23
CA ASN A 70 30.13 -1.06 -17.53
C ASN A 70 30.19 -1.20 -19.07
N GLY A 71 30.68 -0.17 -19.75
CA GLY A 71 30.73 -0.14 -21.22
C GLY A 71 29.46 0.10 -22.07
N VAL A 72 28.27 0.14 -21.44
CA VAL A 72 26.97 0.29 -22.14
C VAL A 72 26.62 1.74 -22.28
N PHE A 73 26.45 2.21 -23.51
CA PHE A 73 26.13 3.59 -23.81
C PHE A 73 24.81 4.08 -23.27
N LEU A 74 24.79 5.33 -22.86
CA LEU A 74 23.58 5.96 -22.38
C LEU A 74 23.66 7.32 -23.00
N GLY A 75 22.59 7.72 -23.67
CA GLY A 75 22.60 8.88 -24.51
C GLY A 75 22.11 10.11 -23.76
N VAL A 76 22.82 11.19 -24.03
CA VAL A 76 22.49 12.50 -23.48
C VAL A 76 21.45 13.19 -24.36
N VAL A 77 20.33 13.59 -23.76
CA VAL A 77 19.31 14.47 -24.35
C VAL A 77 19.48 15.96 -23.96
N GLY A 78 19.76 16.23 -22.71
CA GLY A 78 19.99 17.61 -22.26
C GLY A 78 20.58 17.72 -20.86
N VAL A 79 21.03 18.93 -20.54
CA VAL A 79 21.67 19.24 -19.31
C VAL A 79 21.23 20.56 -18.74
N THR A 80 20.74 20.55 -17.50
CA THR A 80 20.63 21.78 -16.72
C THR A 80 21.58 21.80 -15.55
N MET A 81 21.84 22.99 -15.00
CA MET A 81 22.80 23.20 -13.91
C MET A 81 22.04 23.69 -12.70
N HIS A 82 22.21 23.01 -11.53
CA HIS A 82 21.58 23.43 -10.28
C HIS A 82 22.65 23.45 -9.18
N GLY A 83 22.94 24.63 -8.66
CA GLY A 83 24.06 24.88 -7.87
C GLY A 83 25.27 24.13 -8.40
N SER A 84 25.80 23.19 -7.60
CA SER A 84 27.06 22.53 -7.91
C SER A 84 26.85 21.21 -8.65
N VAL A 85 25.62 20.87 -9.07
CA VAL A 85 25.43 19.67 -9.89
C VAL A 85 24.83 19.97 -11.30
N LEU A 86 25.01 19.01 -12.22
CA LEU A 86 24.32 18.96 -13.45
C LEU A 86 23.22 17.92 -13.35
N ARG A 87 22.04 18.18 -13.97
CA ARG A 87 21.07 17.16 -14.23
C ARG A 87 21.04 16.86 -15.70
N ILE A 88 21.50 15.66 -16.03
CA ILE A 88 21.68 15.23 -17.37
C ILE A 88 20.47 14.39 -17.66
N LYS A 89 19.62 14.89 -18.56
CA LYS A 89 18.49 14.12 -19.01
C LYS A 89 19.01 13.10 -20.04
N VAL A 90 18.67 11.82 -19.92
CA VAL A 90 19.22 10.79 -20.74
C VAL A 90 18.13 9.91 -21.41
N SER A 91 18.53 9.16 -22.43
CA SER A 91 17.61 8.45 -23.30
C SER A 91 16.94 7.28 -22.64
N GLN A 92 17.63 6.55 -21.79
CA GLN A 92 17.09 5.35 -21.16
C GLN A 92 16.75 5.65 -19.70
N SER A 93 15.68 5.05 -19.21
CA SER A 93 15.33 5.07 -17.83
C SER A 93 16.02 3.90 -17.09
N ASN A 94 16.59 4.18 -15.92
CA ASN A 94 17.29 3.10 -15.13
C ASN A 94 16.21 2.13 -14.62
N VAL A 95 16.22 0.96 -15.16
CA VAL A 95 15.28 -0.06 -14.75
C VAL A 95 15.50 -0.55 -13.28
N HIS A 96 16.70 -0.34 -12.73
CA HIS A 96 17.00 -0.65 -11.34
C HIS A 96 16.82 0.56 -10.41
N THR A 97 16.09 1.59 -10.85
CA THR A 97 15.83 2.73 -10.00
C THR A 97 15.05 2.27 -8.75
N PRO A 98 15.63 2.46 -7.54
CA PRO A 98 14.89 2.11 -6.34
C PRO A 98 13.86 3.17 -6.02
N LYS A 99 12.89 2.82 -5.19
CA LYS A 99 12.05 3.84 -4.55
C LYS A 99 12.95 4.78 -3.78
N HIS A 100 12.79 6.06 -3.98
CA HIS A 100 13.69 7.01 -3.33
C HIS A 100 13.19 8.39 -3.12
N VAL A 101 13.94 9.14 -2.37
CA VAL A 101 13.68 10.53 -2.07
C VAL A 101 15.01 11.26 -1.94
N PHE A 102 15.02 12.57 -1.99
CA PHE A 102 16.22 13.36 -1.71
C PHE A 102 16.10 13.94 -0.35
N LYS A 103 17.17 13.87 0.42
CA LYS A 103 17.17 14.47 1.76
C LYS A 103 18.48 15.17 2.03
N THR A 104 18.44 16.30 2.67
CA THR A 104 19.60 17.09 3.04
C THR A 104 19.98 16.74 4.53
N LEU A 105 21.23 16.36 4.74
CA LEU A 105 21.73 16.00 6.06
C LEU A 105 21.91 17.24 6.95
N LYS A 106 21.86 17.00 8.27
CA LYS A 106 22.21 17.97 9.28
C LYS A 106 23.41 17.43 10.00
N PRO A 107 24.25 18.30 10.53
CA PRO A 107 25.36 17.88 11.37
C PRO A 107 24.93 16.84 12.41
N GLY A 108 25.76 15.85 12.59
CA GLY A 108 25.43 14.71 13.40
C GLY A 108 24.66 13.56 12.77
N ASP A 109 24.11 13.74 11.57
CA ASP A 109 23.46 12.63 10.89
C ASP A 109 24.54 11.66 10.40
N SER A 110 24.27 10.37 10.62
CA SER A 110 25.04 9.32 10.02
C SER A 110 24.50 9.00 8.61
N PHE A 111 25.38 8.49 7.75
CA PHE A 111 24.95 8.00 6.46
C PHE A 111 26.00 7.07 5.87
N ASN A 112 25.80 6.62 4.65
CA ASN A 112 26.64 5.68 3.99
C ASN A 112 27.19 6.33 2.77
N ILE A 113 28.48 6.12 2.52
CA ILE A 113 29.09 6.48 1.27
C ILE A 113 29.40 5.22 0.46
N LEU A 114 29.05 5.24 -0.82
CA LEU A 114 29.45 4.25 -1.79
C LEU A 114 30.53 4.88 -2.63
N ALA A 115 31.78 4.55 -2.34
CA ALA A 115 32.90 5.15 -3.03
C ALA A 115 33.03 4.53 -4.40
N CYS A 116 33.09 5.36 -5.44
CA CYS A 116 33.06 4.88 -6.80
C CYS A 116 34.15 5.49 -7.66
N TYR A 117 34.55 4.76 -8.70
CA TYR A 117 35.55 5.21 -9.65
C TYR A 117 35.10 4.81 -11.02
N GLU A 118 35.04 5.79 -11.94
CA GLU A 118 34.73 5.53 -13.37
C GLU A 118 33.37 4.79 -13.45
N GLY A 119 32.43 5.10 -12.58
CA GLY A 119 31.12 4.49 -12.71
C GLY A 119 30.92 3.16 -11.97
N ILE A 120 31.92 2.70 -11.25
CA ILE A 120 31.98 1.40 -10.59
C ILE A 120 32.19 1.52 -9.08
N ALA A 121 31.30 0.95 -8.33
CA ALA A 121 31.47 0.95 -6.86
C ALA A 121 32.65 0.13 -6.46
N SER A 122 33.43 0.65 -5.56
CA SER A 122 34.66 0.04 -5.05
C SER A 122 34.58 -0.31 -3.56
N GLY A 123 33.77 0.42 -2.80
CA GLY A 123 33.85 0.43 -1.35
C GLY A 123 32.63 1.03 -0.73
N VAL A 124 32.29 0.61 0.49
CA VAL A 124 31.13 1.18 1.14
C VAL A 124 31.43 1.30 2.61
N PHE A 125 31.04 2.42 3.20
CA PHE A 125 31.30 2.66 4.58
C PHE A 125 30.38 3.65 5.18
N GLY A 126 30.17 3.49 6.49
CA GLY A 126 29.33 4.46 7.25
C GLY A 126 30.14 5.66 7.70
N VAL A 127 29.50 6.82 7.85
CA VAL A 127 30.20 8.07 8.15
C VAL A 127 29.23 9.04 8.76
N ASN A 128 29.73 10.11 9.39
CA ASN A 128 28.88 11.12 10.05
C ASN A 128 29.16 12.49 9.38
N LEU A 129 28.12 13.28 9.19
CA LEU A 129 28.31 14.66 8.86
C LEU A 129 28.72 15.39 10.14
N ARG A 130 29.90 15.99 10.08
CA ARG A 130 30.42 16.73 11.21
C ARG A 130 29.85 18.10 11.40
N THR A 131 30.12 18.71 12.53
CA THR A 131 29.61 20.05 12.85
C THR A 131 30.15 21.09 11.93
N ASN A 132 31.35 20.84 11.39
CA ASN A 132 31.96 21.71 10.41
C ASN A 132 31.57 21.42 8.92
N PHE A 133 30.53 20.62 8.73
CA PHE A 133 29.97 20.28 7.46
C PHE A 133 30.85 19.46 6.54
N THR A 134 31.94 18.91 7.06
CA THR A 134 32.74 17.94 6.35
C THR A 134 32.46 16.49 6.83
N ILE A 135 33.08 15.55 6.12
CA ILE A 135 33.22 14.19 6.56
C ILE A 135 34.64 13.78 6.42
N LYS A 136 34.99 12.69 7.09
CA LYS A 136 36.30 12.08 6.96
C LYS A 136 36.12 10.77 6.24
N GLY A 137 36.42 10.79 4.95
CA GLY A 137 36.21 9.67 4.08
C GLY A 137 37.54 9.24 3.57
N SER A 138 37.53 8.44 2.52
CA SER A 138 38.75 8.03 1.85
C SER A 138 38.39 8.11 0.38
N PHE A 139 38.92 9.11 -0.28
CA PHE A 139 38.62 9.36 -1.69
C PHE A 139 39.87 9.78 -2.43
N ILE A 140 40.11 9.21 -3.60
CA ILE A 140 41.16 9.74 -4.48
C ILE A 140 40.58 10.22 -5.81
N ASN A 141 41.45 10.67 -6.70
CA ASN A 141 41.07 11.23 -7.99
C ASN A 141 40.14 10.24 -8.68
N GLY A 142 38.98 10.74 -9.09
CA GLY A 142 37.97 9.91 -9.70
C GLY A 142 36.75 9.66 -8.83
N ALA A 143 36.83 9.99 -7.55
CA ALA A 143 35.75 9.69 -6.59
C ALA A 143 34.60 10.63 -6.67
N CYS A 144 34.83 11.81 -7.27
CA CYS A 144 33.77 12.79 -7.37
C CYS A 144 32.52 12.21 -7.99
N GLY A 145 31.41 12.56 -7.39
CA GLY A 145 30.17 11.94 -7.75
C GLY A 145 29.78 10.70 -6.99
N SER A 146 30.67 10.15 -6.17
CA SER A 146 30.29 9.01 -5.30
C SER A 146 29.12 9.44 -4.48
N PRO A 147 28.05 8.65 -4.41
CA PRO A 147 26.89 9.04 -3.64
C PRO A 147 26.93 8.62 -2.17
N GLY A 148 26.21 9.39 -1.35
CA GLY A 148 25.90 9.02 -0.01
C GLY A 148 24.40 8.82 0.15
N TYR A 149 24.00 7.95 1.07
CA TYR A 149 22.61 7.51 1.13
C TYR A 149 22.28 6.93 2.52
N ASN A 150 21.00 6.87 2.83
CA ASN A 150 20.45 6.07 3.90
C ASN A 150 19.30 5.25 3.37
N VAL A 151 19.01 4.16 4.02
CA VAL A 151 17.90 3.29 3.55
C VAL A 151 16.91 3.16 4.66
N ARG A 152 15.69 3.56 4.41
CA ARG A 152 14.64 3.46 5.43
C ARG A 152 14.19 2.01 5.54
N ASN A 153 13.43 1.70 6.59
CA ASN A 153 12.89 0.32 6.79
C ASN A 153 12.09 -0.28 5.65
N ASP A 154 11.29 0.57 4.97
CA ASP A 154 10.54 0.07 3.77
C ASP A 154 11.37 -0.14 2.48
N GLY A 155 12.68 0.12 2.49
CA GLY A 155 13.54 -0.08 1.28
C GLY A 155 13.82 1.20 0.48
N THR A 156 13.22 2.30 0.93
CA THR A 156 13.27 3.62 0.32
C THR A 156 14.63 4.27 0.56
N VAL A 157 15.33 4.62 -0.53
CA VAL A 157 16.64 5.23 -0.42
C VAL A 157 16.55 6.70 -0.26
N GLU A 158 17.17 7.27 0.77
CA GLU A 158 17.33 8.72 0.87
C GLU A 158 18.70 9.05 0.26
N PHE A 159 18.71 9.75 -0.87
CA PHE A 159 19.95 10.19 -1.46
C PHE A 159 20.30 11.52 -0.87
N CYS A 160 21.50 11.62 -0.27
CA CYS A 160 21.83 12.78 0.52
C CYS A 160 23.19 13.43 0.32
N TYR A 161 24.04 12.90 -0.55
CA TYR A 161 25.40 13.42 -0.68
C TYR A 161 25.90 13.04 -2.04
N LEU A 162 26.72 13.91 -2.61
CA LEU A 162 27.50 13.59 -3.78
C LEU A 162 28.82 14.16 -3.55
N HIS A 163 29.85 13.36 -3.69
CA HIS A 163 31.16 13.83 -3.36
C HIS A 163 31.65 14.92 -4.36
N GLN A 164 32.17 16.00 -3.80
CA GLN A 164 32.58 17.21 -4.59
C GLN A 164 34.06 17.56 -4.35
N ILE A 165 34.51 17.69 -3.11
CA ILE A 165 35.89 18.09 -2.89
C ILE A 165 36.57 17.61 -1.64
N GLU A 166 37.88 17.66 -1.74
CA GLU A 166 38.81 17.50 -0.68
C GLU A 166 39.48 18.85 -0.39
N LEU A 167 39.26 19.35 0.82
CA LEU A 167 39.91 20.55 1.35
C LEU A 167 41.40 20.31 1.60
N GLY A 168 42.16 21.39 1.84
CA GLY A 168 43.60 21.27 2.06
C GLY A 168 43.92 20.45 3.30
N SER A 169 43.04 20.50 4.30
CA SER A 169 43.16 19.60 5.45
C SER A 169 43.05 18.12 5.16
N GLY A 170 42.51 17.70 4.01
CA GLY A 170 42.15 16.28 3.79
C GLY A 170 40.66 15.96 4.09
N ALA A 171 39.96 16.86 4.73
CA ALA A 171 38.55 16.70 4.95
C ALA A 171 37.72 16.81 3.67
N HIS A 172 36.59 16.13 3.66
CA HIS A 172 35.80 15.90 2.49
C HIS A 172 34.48 16.62 2.52
N VAL A 173 34.08 17.17 1.36
CA VAL A 173 32.83 17.91 1.23
C VAL A 173 32.03 17.45 0.05
N GLY A 174 30.74 17.40 0.21
CA GLY A 174 29.83 17.07 -0.87
C GLY A 174 28.70 18.02 -0.97
N SER A 175 27.81 17.78 -1.93
CA SER A 175 26.60 18.54 -2.03
C SER A 175 25.44 17.60 -1.79
N ASP A 176 24.25 18.12 -1.50
CA ASP A 176 23.04 17.32 -1.68
C ASP A 176 22.65 17.24 -3.18
N PHE A 177 21.53 16.60 -3.48
CA PHE A 177 21.10 16.36 -4.84
C PHE A 177 20.41 17.59 -5.48
N THR A 178 20.18 18.63 -4.69
CA THR A 178 19.70 19.91 -5.19
C THR A 178 20.85 20.76 -5.65
N GLY A 179 22.09 20.36 -5.37
CA GLY A 179 23.28 21.15 -5.73
C GLY A 179 23.76 22.09 -4.65
N SER A 180 23.09 22.17 -3.48
CA SER A 180 23.69 22.92 -2.32
C SER A 180 24.89 22.18 -1.76
N VAL A 181 26.02 22.84 -1.68
CA VAL A 181 27.21 22.30 -1.05
C VAL A 181 27.04 22.38 0.45
N TYR A 182 27.30 21.29 1.16
CA TYR A 182 27.19 21.28 2.62
C TYR A 182 28.16 22.30 3.13
N GLY A 183 27.69 23.10 4.08
CA GLY A 183 28.51 24.17 4.66
C GLY A 183 28.83 25.36 3.79
N ASN A 184 28.16 25.49 2.66
CA ASN A 184 28.53 26.51 1.65
C ASN A 184 29.99 26.60 1.26
N PHE A 185 30.73 25.49 1.29
CA PHE A 185 31.97 25.49 0.62
C PHE A 185 31.74 25.69 -0.89
N ASP A 186 32.82 25.92 -1.57
CA ASP A 186 32.86 26.24 -2.97
C ASP A 186 33.40 25.04 -3.65
N ASP A 187 32.86 24.72 -4.82
CA ASP A 187 33.32 23.63 -5.63
C ASP A 187 34.34 24.12 -6.60
N GLN A 188 35.38 24.71 -6.04
CA GLN A 188 36.46 25.40 -6.78
C GLN A 188 37.76 25.03 -6.05
N PRO A 189 38.90 24.99 -6.76
CA PRO A 189 40.16 24.88 -5.99
C PRO A 189 40.33 26.17 -5.15
N SER A 190 40.57 26.06 -3.86
CA SER A 190 40.60 27.28 -3.06
C SER A 190 41.34 27.02 -1.79
N LEU A 191 41.44 28.06 -0.98
CA LEU A 191 42.18 27.95 0.25
C LEU A 191 41.20 27.92 1.38
N GLN A 192 39.91 27.65 1.11
CA GLN A 192 38.91 27.48 2.17
C GLN A 192 39.32 26.51 3.27
N VAL A 193 38.91 26.83 4.48
CA VAL A 193 39.30 26.09 5.68
C VAL A 193 38.07 25.86 6.51
N GLU A 194 37.82 24.60 6.86
CA GLU A 194 36.69 24.22 7.74
C GLU A 194 36.91 24.76 9.20
N SER A 195 35.84 25.09 9.90
CA SER A 195 35.92 25.28 11.36
C SER A 195 36.40 24.00 12.03
N ALA A 196 36.91 24.15 13.25
CA ALA A 196 37.37 23.00 14.01
C ALA A 196 36.18 22.09 14.33
N ASN A 197 36.42 20.81 14.13
CA ASN A 197 35.40 19.84 14.46
C ASN A 197 35.04 19.80 15.97
N LEU A 198 33.75 19.81 16.27
CA LEU A 198 33.24 19.46 17.60
C LEU A 198 32.91 17.94 17.72
N MET A 199 33.44 17.27 18.77
CA MET A 199 33.03 15.92 19.16
C MET A 199 31.54 15.90 19.37
N LEU A 200 30.87 14.91 18.81
CA LEU A 200 29.41 14.79 18.92
C LEU A 200 29.03 14.09 20.25
N SER A 201 28.62 14.89 21.20
CA SER A 201 28.39 14.47 22.55
C SER A 201 27.31 13.42 22.63
N ASP A 202 26.26 13.55 21.85
CA ASP A 202 25.19 12.57 21.85
C ASP A 202 25.67 11.16 21.49
N ASN A 203 26.67 11.10 20.62
CA ASN A 203 27.18 9.84 20.14
C ASN A 203 28.12 9.28 21.22
N VAL A 204 28.87 10.15 21.86
CA VAL A 204 29.76 9.74 22.92
C VAL A 204 28.93 9.13 24.07
N VAL A 205 27.78 9.68 24.34
CA VAL A 205 26.93 9.10 25.38
C VAL A 205 26.45 7.72 24.96
N ALA A 206 25.97 7.62 23.70
CA ALA A 206 25.56 6.31 23.12
C ALA A 206 26.65 5.28 23.21
N PHE A 207 27.87 5.68 22.91
CA PHE A 207 29.02 4.84 22.94
C PHE A 207 29.30 4.31 24.36
N LEU A 208 29.17 5.16 25.37
CA LEU A 208 29.38 4.71 26.74
C LEU A 208 28.28 3.75 27.17
N TYR A 209 27.04 4.00 26.77
CA TYR A 209 26.03 3.02 27.02
C TYR A 209 26.39 1.68 26.36
N ALA A 210 26.88 1.72 25.12
CA ALA A 210 27.27 0.45 24.47
C ALA A 210 28.37 -0.23 25.27
N ALA A 211 29.31 0.53 25.78
CA ALA A 211 30.37 -0.05 26.58
C ALA A 211 29.76 -0.72 27.83
N LEU A 212 28.82 -0.07 28.52
CA LEU A 212 28.23 -0.68 29.71
C LEU A 212 27.59 -2.05 29.37
N LEU A 213 26.82 -2.05 28.32
CA LEU A 213 26.12 -3.23 27.86
C LEU A 213 27.03 -4.33 27.34
N ASN A 214 28.28 -4.04 27.00
CA ASN A 214 29.25 -5.04 26.65
C ASN A 214 30.20 -5.35 27.84
N GLY A 215 29.71 -5.11 29.07
CA GLY A 215 30.50 -5.34 30.28
C GLY A 215 31.79 -4.54 30.50
N CYS A 216 31.99 -3.42 29.78
CA CYS A 216 33.15 -2.56 29.97
C CYS A 216 32.69 -1.35 30.84
N ARG A 217 33.09 -1.35 32.12
CA ARG A 217 32.60 -0.39 33.12
C ARG A 217 33.67 0.25 34.01
N TRP A 218 34.94 -0.03 33.75
CA TRP A 218 36.05 0.48 34.60
C TRP A 218 36.11 2.00 34.70
N TRP A 219 35.60 2.69 33.67
CA TRP A 219 35.74 4.13 33.46
C TRP A 219 34.61 4.92 34.18
N LEU A 220 33.60 4.21 34.64
CA LEU A 220 32.42 4.82 35.16
C LEU A 220 32.67 5.60 36.48
N CYS A 221 32.50 6.90 36.46
CA CYS A 221 32.71 7.74 37.63
C CYS A 221 31.48 7.82 38.49
N SER A 222 31.65 8.16 39.75
CA SER A 222 30.49 8.38 40.65
C SER A 222 30.18 9.88 40.81
N THR A 223 30.59 10.66 39.83
CA THR A 223 30.11 12.01 39.60
C THR A 223 28.80 12.03 38.79
N ARG A 224 27.90 12.99 39.04
CA ARG A 224 26.80 13.35 38.15
C ARG A 224 27.03 14.80 37.67
N VAL A 225 26.71 15.10 36.42
CA VAL A 225 26.65 16.47 35.85
C VAL A 225 25.35 16.56 35.06
N ASN A 226 24.58 17.61 35.21
CA ASN A 226 23.33 17.79 34.48
C ASN A 226 23.63 18.40 33.08
N VAL A 227 22.58 18.49 32.26
CA VAL A 227 22.68 18.92 30.86
C VAL A 227 23.30 20.32 30.74
N ASP A 228 22.75 21.27 31.49
CA ASP A 228 23.21 22.70 31.40
C ASP A 228 24.65 22.84 31.76
N GLY A 229 25.11 22.11 32.79
CA GLY A 229 26.55 22.11 33.16
C GLY A 229 27.47 21.45 32.15
N PHE A 230 27.03 20.29 31.64
CA PHE A 230 27.81 19.64 30.57
C PHE A 230 27.91 20.58 29.36
N ASN A 231 26.77 21.17 28.98
CA ASN A 231 26.75 22.06 27.78
C ASN A 231 27.70 23.25 27.85
N GLU A 232 27.87 23.77 29.05
CA GLU A 232 28.82 24.87 29.31
C GLU A 232 30.25 24.36 29.21
N TRP A 233 30.49 23.22 29.83
CA TRP A 233 31.80 22.60 29.72
C TRP A 233 32.19 22.30 28.21
N ALA A 234 31.17 21.91 27.45
CA ALA A 234 31.32 21.39 26.08
C ALA A 234 31.89 22.45 25.15
N MET A 235 31.24 23.61 25.23
CA MET A 235 31.68 24.86 24.58
C MET A 235 33.14 25.17 24.82
N ALA A 236 33.60 24.97 26.01
CA ALA A 236 34.99 25.26 26.33
C ALA A 236 35.93 24.16 25.89
N ASN A 237 35.43 22.95 25.65
CA ASN A 237 36.33 21.81 25.42
C ASN A 237 36.24 21.01 24.10
N GLY A 238 35.43 21.53 23.19
CA GLY A 238 35.43 21.02 21.80
C GLY A 238 34.38 19.95 21.57
N TYR A 239 33.20 20.11 22.20
CA TYR A 239 32.17 19.12 22.22
C TYR A 239 30.92 19.85 21.91
N THR A 240 29.95 19.19 21.27
CA THR A 240 28.64 19.77 21.13
C THR A 240 27.90 19.73 22.45
N SER A 241 26.78 20.41 22.49
CA SER A 241 25.80 20.16 23.46
C SER A 241 25.24 18.77 23.35
N VAL A 242 24.60 18.37 24.44
CA VAL A 242 23.91 17.13 24.52
C VAL A 242 22.39 17.40 24.41
N SER A 243 21.65 16.48 23.79
CA SER A 243 20.21 16.48 23.70
C SER A 243 19.58 16.08 25.01
N SER A 244 18.28 16.25 25.08
CA SER A 244 17.48 15.82 26.23
C SER A 244 17.92 14.45 26.73
N VAL A 245 18.10 14.30 28.04
CA VAL A 245 18.28 12.97 28.67
C VAL A 245 17.19 11.90 28.33
N GLU A 246 15.98 12.34 27.99
CA GLU A 246 14.90 11.38 27.75
C GLU A 246 15.13 10.48 26.54
N CYS A 247 15.89 10.99 25.56
CA CYS A 247 16.34 10.22 24.36
C CYS A 247 16.91 8.90 24.75
N TYR A 248 17.67 8.85 25.86
CA TYR A 248 18.38 7.68 26.27
C TYR A 248 17.64 6.72 27.20
N SER A 249 16.31 6.88 27.31
CA SER A 249 15.54 6.21 28.36
C SER A 249 15.66 4.70 28.35
N ILE A 250 15.61 4.10 27.14
CA ILE A 250 15.71 2.63 27.05
C ILE A 250 17.04 2.15 27.61
N LEU A 251 18.12 2.83 27.23
CA LEU A 251 19.44 2.40 27.60
C LEU A 251 19.75 2.72 29.05
N ALA A 252 19.25 3.85 29.55
CA ALA A 252 19.34 4.20 31.00
C ALA A 252 18.67 3.12 31.86
N ALA A 253 17.46 2.75 31.45
CA ALA A 253 16.75 1.64 32.11
C ALA A 253 17.53 0.35 32.01
N LYS A 254 17.95 -0.08 30.81
CA LYS A 254 18.68 -1.38 30.73
C LYS A 254 20.03 -1.42 31.43
N THR A 255 20.69 -0.31 31.64
CA THR A 255 22.01 -0.37 32.27
C THR A 255 21.94 0.01 33.75
N GLY A 256 20.86 0.64 34.14
CA GLY A 256 20.81 1.33 35.41
C GLY A 256 21.67 2.55 35.60
N VAL A 257 22.30 3.09 34.52
CA VAL A 257 23.10 4.30 34.60
C VAL A 257 22.45 5.47 33.89
N SER A 258 22.43 6.59 34.57
CA SER A 258 21.76 7.78 34.07
C SER A 258 22.69 8.54 33.14
N VAL A 259 22.09 9.37 32.30
CA VAL A 259 22.90 10.19 31.39
C VAL A 259 23.85 11.08 32.11
N GLU A 260 23.36 11.63 33.21
CA GLU A 260 24.14 12.60 34.01
C GLU A 260 25.46 12.01 34.50
N GLN A 261 25.42 10.73 34.85
CA GLN A 261 26.67 10.01 35.21
C GLN A 261 27.61 9.84 34.04
N LEU A 262 27.03 9.65 32.88
CA LEU A 262 27.88 9.52 31.64
C LEU A 262 28.48 10.83 31.24
N LEU A 263 27.68 11.90 31.38
CA LEU A 263 28.22 13.26 31.07
C LEU A 263 29.44 13.58 31.91
N ALA A 264 29.33 13.24 33.20
CA ALA A 264 30.50 13.43 34.12
C ALA A 264 31.61 12.57 33.71
N SER A 265 31.27 11.32 33.39
CA SER A 265 32.33 10.39 32.94
C SER A 265 33.04 10.92 31.69
N ILE A 266 32.31 11.57 30.79
CA ILE A 266 32.99 12.18 29.60
C ILE A 266 34.00 13.22 30.00
N GLN A 267 33.58 14.12 30.89
CA GLN A 267 34.49 15.17 31.42
C GLN A 267 35.78 14.57 31.98
N HIS A 268 35.67 13.49 32.76
CA HIS A 268 36.86 12.82 33.31
C HIS A 268 37.67 12.18 32.20
N LEU A 269 36.99 11.43 31.33
CA LEU A 269 37.71 10.63 30.27
C LEU A 269 38.39 11.49 29.20
N HIS A 270 37.82 12.66 28.95
CA HIS A 270 38.48 13.70 28.15
C HIS A 270 39.98 13.89 28.49
N GLU A 271 40.33 13.78 29.77
CA GLU A 271 41.73 13.96 30.24
C GLU A 271 42.71 12.83 29.83
N GLY A 272 42.22 11.70 29.32
CA GLY A 272 43.06 10.57 28.89
C GLY A 272 42.57 9.27 29.53
N PHE A 273 42.82 8.15 28.85
CA PHE A 273 42.36 6.83 29.34
C PHE A 273 43.33 6.21 30.36
N GLY A 274 44.54 6.79 30.46
CA GLY A 274 45.61 6.21 31.25
C GLY A 274 46.10 4.86 30.76
N GLY A 275 46.17 4.67 29.43
CA GLY A 275 46.62 3.40 28.86
C GLY A 275 45.59 2.30 28.75
N LYS A 276 44.39 2.47 29.35
CA LYS A 276 43.31 1.48 29.24
C LYS A 276 42.54 1.70 27.92
N ASN A 277 41.51 0.88 27.68
CA ASN A 277 40.63 1.08 26.52
C ASN A 277 39.15 0.79 26.80
N ILE A 278 38.31 1.23 25.86
CA ILE A 278 36.86 1.05 25.94
C ILE A 278 36.44 0.46 24.63
N LEU A 279 35.96 -0.79 24.63
CA LEU A 279 35.65 -1.48 23.37
C LEU A 279 36.79 -1.45 22.36
N GLY A 280 38.02 -1.47 22.88
CA GLY A 280 39.24 -1.36 22.07
C GLY A 280 39.71 0.04 21.68
N TYR A 281 38.92 1.07 21.96
CA TYR A 281 39.27 2.45 21.56
C TYR A 281 40.13 3.04 22.66
N SER A 282 41.25 3.66 22.25
CA SER A 282 42.17 4.25 23.23
C SER A 282 41.78 5.70 23.63
N SER A 283 40.73 6.27 23.00
CA SER A 283 40.16 7.59 23.41
C SER A 283 38.65 7.61 23.14
N LEU A 284 37.95 8.64 23.55
CA LEU A 284 36.52 8.67 23.42
C LEU A 284 36.12 8.61 21.95
N CYS A 285 35.02 7.91 21.68
CA CYS A 285 34.53 7.65 20.34
C CYS A 285 33.17 8.29 20.12
N ASP A 286 33.08 9.18 19.12
CA ASP A 286 31.81 9.80 18.68
C ASP A 286 31.34 9.31 17.29
N GLU A 287 31.84 8.16 16.88
CA GLU A 287 31.55 7.55 15.58
CA GLU A 287 31.55 7.55 15.57
C GLU A 287 30.11 6.98 15.49
N PHE A 288 29.49 6.61 16.65
CA PHE A 288 28.16 5.91 16.67
C PHE A 288 27.00 6.69 17.21
N THR A 289 25.89 6.75 16.50
CA THR A 289 24.73 7.46 17.04
C THR A 289 23.99 6.53 18.01
N LEU A 290 23.09 7.15 18.75
CA LEU A 290 22.15 6.43 19.59
C LEU A 290 21.39 5.37 18.82
N ALA A 291 20.84 5.75 17.68
CA ALA A 291 20.13 4.81 16.79
C ALA A 291 20.98 3.64 16.39
N GLU A 292 22.24 3.89 16.00
CA GLU A 292 23.14 2.79 15.69
C GLU A 292 23.40 1.88 16.88
N VAL A 293 23.63 2.45 18.05
CA VAL A 293 23.91 1.63 19.22
C VAL A 293 22.68 0.79 19.55
N VAL A 294 21.52 1.42 19.53
CA VAL A 294 20.28 0.70 19.84
C VAL A 294 20.04 -0.44 18.84
N LYS A 295 20.24 -0.17 17.55
CA LYS A 295 20.08 -1.18 16.49
C LYS A 295 21.05 -2.34 16.70
N GLN A 296 22.31 -2.05 16.96
CA GLN A 296 23.31 -3.10 17.22
C GLN A 296 23.13 -3.89 18.54
N MET A 297 22.51 -3.31 19.55
CA MET A 297 22.32 -4.02 20.86
C MET A 297 20.98 -4.77 20.93
N TYR A 298 19.95 -4.27 20.25
CA TYR A 298 18.58 -4.82 20.33
C TYR A 298 17.78 -5.04 19.05
N GLY A 299 17.93 -4.16 18.06
CA GLY A 299 17.45 -4.34 16.67
C GLY A 299 15.97 -4.59 16.43
N SER B 1 -24.84 -16.50 -10.93
CA SER B 1 -23.53 -17.23 -11.00
C SER B 1 -22.35 -16.25 -10.89
N GLY B 2 -21.14 -16.80 -10.92
CA GLY B 2 -19.92 -15.95 -10.82
C GLY B 2 -19.29 -16.05 -9.44
N LEU B 3 -18.04 -15.59 -9.33
CA LEU B 3 -17.34 -15.64 -8.06
C LEU B 3 -16.50 -14.39 -8.01
N LYS B 4 -16.69 -13.55 -6.97
CA LYS B 4 -15.99 -12.27 -6.90
C LYS B 4 -15.68 -12.06 -5.44
N LYS B 5 -14.49 -11.56 -5.17
CA LYS B 5 -14.06 -11.30 -3.82
C LYS B 5 -14.77 -10.04 -3.36
N MET B 6 -15.54 -10.18 -2.32
CA MET B 6 -16.38 -9.14 -1.80
C MET B 6 -16.11 -8.90 -0.34
N ALA B 7 -16.43 -7.71 0.12
CA ALA B 7 -16.57 -7.42 1.51
C ALA B 7 -18.04 -7.48 1.98
N GLN B 8 -18.22 -7.80 3.24
CA GLN B 8 -19.52 -7.59 3.84
C GLN B 8 -19.75 -6.08 4.02
N PRO B 9 -21.02 -5.66 3.95
CA PRO B 9 -21.34 -4.29 3.98
C PRO B 9 -20.75 -3.57 5.20
N SER B 10 -20.34 -2.31 5.01
CA SER B 10 -19.57 -1.62 5.97
C SER B 10 -20.31 -0.62 6.84
N GLY B 11 -21.60 -0.42 6.61
CA GLY B 11 -22.36 0.61 7.38
C GLY B 11 -22.33 0.57 8.90
N CYS B 12 -22.62 -0.57 9.46
CA CYS B 12 -22.58 -0.70 10.94
C CYS B 12 -21.18 -0.40 11.49
N VAL B 13 -20.12 -0.62 10.72
CA VAL B 13 -18.74 -0.30 11.21
C VAL B 13 -18.33 1.13 10.95
N GLU B 14 -18.82 1.72 9.85
CA GLU B 14 -18.49 3.12 9.56
C GLU B 14 -18.99 4.06 10.67
N ARG B 15 -20.08 3.67 11.30
CA ARG B 15 -20.64 4.46 12.38
C ARG B 15 -19.77 4.37 13.68
N CYS B 16 -18.77 3.49 13.73
CA CYS B 16 -17.92 3.37 14.85
C CYS B 16 -16.56 3.96 14.58
N VAL B 17 -16.29 4.54 13.42
CA VAL B 17 -14.97 5.03 13.15
C VAL B 17 -14.71 6.43 13.62
N VAL B 18 -13.58 6.69 14.31
CA VAL B 18 -13.27 8.05 14.70
C VAL B 18 -11.87 8.44 14.42
N ARG B 19 -11.65 9.74 14.43
CA ARG B 19 -10.33 10.35 14.29
C ARG B 19 -9.69 10.52 15.67
N VAL B 20 -8.48 9.99 15.87
CA VAL B 20 -7.78 10.11 17.13
C VAL B 20 -6.50 10.86 16.91
N CYS B 21 -6.38 11.97 17.63
CA CYS B 21 -5.21 12.79 17.54
C CYS B 21 -4.53 12.85 18.92
N TYR B 22 -3.21 12.64 18.95
CA TYR B 22 -2.41 12.94 20.11
C TYR B 22 -1.25 13.76 19.66
N GLY B 23 -1.20 14.99 20.14
CA GLY B 23 -0.14 15.92 19.78
C GLY B 23 -0.44 16.29 18.34
N SER B 24 0.52 15.98 17.47
CA SER B 24 0.34 16.15 16.05
C SER B 24 0.22 14.79 15.29
N THR B 25 0.17 13.65 15.98
CA THR B 25 -0.03 12.35 15.34
C THR B 25 -1.55 12.11 15.20
N VAL B 26 -1.97 11.75 13.98
CA VAL B 26 -3.35 11.40 13.70
C VAL B 26 -3.47 9.99 13.18
N LEU B 27 -4.46 9.24 13.69
CA LEU B 27 -4.80 7.95 13.13
C LEU B 27 -6.25 7.67 13.43
N ASN B 28 -6.69 6.43 13.23
CA ASN B 28 -8.09 6.10 13.42
C ASN B 28 -8.28 5.31 14.69
N GLY B 29 -9.50 5.36 15.24
CA GLY B 29 -9.89 4.45 16.29
C GLY B 29 -11.32 3.99 16.09
N VAL B 30 -11.76 3.07 16.95
CA VAL B 30 -13.05 2.45 16.87
C VAL B 30 -13.81 2.66 18.21
N TRP B 31 -14.99 3.26 18.10
CA TRP B 31 -15.81 3.77 19.18
C TRP B 31 -16.96 2.81 19.37
N LEU B 32 -16.86 2.05 20.45
CA LEU B 32 -17.87 1.09 20.86
C LEU B 32 -18.24 1.37 22.34
N GLY B 33 -19.53 1.56 22.64
CA GLY B 33 -19.93 2.04 23.96
C GLY B 33 -19.24 3.38 24.24
N ASP B 34 -18.62 3.48 25.40
CA ASP B 34 -17.90 4.73 25.78
C ASP B 34 -16.38 4.56 25.69
N THR B 35 -15.95 3.61 24.84
CA THR B 35 -14.53 3.33 24.67
C THR B 35 -14.10 3.44 23.19
N VAL B 36 -12.99 4.10 22.95
CA VAL B 36 -12.37 4.16 21.66
C VAL B 36 -11.07 3.37 21.69
N THR B 37 -10.98 2.31 20.87
CA THR B 37 -9.76 1.55 20.73
C THR B 37 -8.93 2.07 19.56
N CYS B 38 -7.64 2.22 19.76
CA CYS B 38 -6.74 2.71 18.74
C CYS B 38 -5.35 2.16 18.98
N PRO B 39 -4.49 2.19 17.99
CA PRO B 39 -3.14 1.73 18.20
C PRO B 39 -2.33 2.65 19.14
N ARG B 40 -1.54 2.03 20.01
CA ARG B 40 -0.87 2.76 21.05
C ARG B 40 0.22 3.65 20.54
N HIS B 41 0.73 3.42 19.33
CA HIS B 41 1.75 4.33 18.84
C HIS B 41 1.29 5.73 18.52
N VAL B 42 0.00 6.01 18.63
CA VAL B 42 -0.48 7.40 18.57
C VAL B 42 0.23 8.28 19.67
N ILE B 43 0.61 7.70 20.81
CA ILE B 43 1.34 8.47 21.87
C ILE B 43 2.85 8.35 21.77
N ALA B 44 3.37 7.75 20.71
CA ALA B 44 4.78 7.63 20.52
C ALA B 44 5.32 8.98 20.14
N PRO B 45 6.47 9.37 20.71
CA PRO B 45 7.09 10.64 20.33
C PRO B 45 7.69 10.65 18.92
N SER B 46 8.02 9.50 18.37
CA SER B 46 8.67 9.43 17.06
C SER B 46 8.47 7.99 16.56
N THR B 47 8.02 7.84 15.33
CA THR B 47 7.85 6.50 14.70
C THR B 47 9.13 6.05 13.91
N THR B 48 10.27 6.74 14.08
CA THR B 48 11.54 6.45 13.38
C THR B 48 12.53 5.61 14.23
N VAL B 49 12.60 5.90 15.55
CA VAL B 49 13.56 5.23 16.50
C VAL B 49 12.77 4.31 17.42
N LEU B 50 13.45 3.36 18.06
CA LEU B 50 12.79 2.41 18.99
C LEU B 50 12.01 3.12 20.14
N ILE B 51 10.82 2.65 20.46
CA ILE B 51 9.87 3.41 21.30
C ILE B 51 9.78 2.79 22.70
N ASP B 52 9.96 3.63 23.70
CA ASP B 52 9.72 3.24 25.08
C ASP B 52 8.28 3.48 25.45
N TYR B 53 7.47 2.44 25.43
CA TYR B 53 6.01 2.60 25.63
C TYR B 53 5.68 2.97 27.08
N ASP B 54 6.40 2.35 28.03
CA ASP B 54 6.34 2.67 29.45
C ASP B 54 6.53 4.17 29.70
N HIS B 55 7.58 4.74 29.14
CA HIS B 55 7.84 6.18 29.23
C HIS B 55 6.73 6.97 28.55
N ALA B 56 6.28 6.54 27.35
CA ALA B 56 5.30 7.37 26.64
C ALA B 56 3.97 7.39 27.38
N TYR B 57 3.59 6.26 27.97
CA TYR B 57 2.37 6.20 28.77
C TYR B 57 2.49 7.01 30.10
N SER B 58 3.62 6.89 30.77
CA SER B 58 3.86 7.64 32.02
C SER B 58 3.89 9.13 31.83
N THR B 59 4.50 9.61 30.75
CA THR B 59 4.46 11.03 30.42
C THR B 59 3.21 11.49 29.62
N MET B 60 2.30 10.59 29.29
CA MET B 60 1.15 10.99 28.53
C MET B 60 0.26 11.97 29.31
N ARG B 61 -0.24 13.01 28.64
CA ARG B 61 -1.26 13.89 29.24
C ARG B 61 -2.57 13.84 28.46
N LEU B 62 -3.70 13.62 29.14
CA LEU B 62 -4.99 13.61 28.50
C LEU B 62 -5.35 14.83 27.66
N HIS B 63 -4.90 16.01 28.09
CA HIS B 63 -5.23 17.24 27.38
C HIS B 63 -4.65 17.26 25.96
N ASN B 64 -3.64 16.44 25.69
CA ASN B 64 -3.12 16.30 24.30
C ASN B 64 -3.97 15.45 23.31
N PHE B 65 -4.88 14.63 23.80
CA PHE B 65 -5.79 13.88 22.94
C PHE B 65 -6.89 14.78 22.37
N SER B 66 -7.26 14.60 21.11
CA SER B 66 -8.56 15.07 20.59
C SER B 66 -9.16 13.96 19.71
N VAL B 67 -10.36 13.55 20.07
CA VAL B 67 -11.07 12.50 19.46
C VAL B 67 -12.39 13.08 18.91
N SER B 68 -12.69 12.79 17.65
CA SER B 68 -13.92 13.22 16.94
C SER B 68 -14.51 12.20 15.99
N HIS B 69 -15.85 12.25 15.84
CA HIS B 69 -16.65 11.43 14.92
C HIS B 69 -17.41 12.33 13.94
N ASN B 70 -17.00 12.27 12.67
CA ASN B 70 -17.51 13.11 11.60
C ASN B 70 -17.46 14.57 12.06
N GLY B 71 -16.29 15.02 12.51
CA GLY B 71 -16.10 16.38 13.04
C GLY B 71 -16.69 16.81 14.40
N VAL B 72 -17.47 15.94 15.07
CA VAL B 72 -18.10 16.25 16.39
C VAL B 72 -17.14 15.78 17.49
N PHE B 73 -16.64 16.68 18.32
CA PHE B 73 -15.67 16.27 19.35
C PHE B 73 -16.29 15.44 20.48
N LEU B 74 -15.47 14.53 20.98
CA LEU B 74 -15.80 13.62 22.06
C LEU B 74 -14.90 14.00 23.25
N GLY B 75 -15.43 13.85 24.46
CA GLY B 75 -14.65 14.26 25.64
C GLY B 75 -13.85 13.10 26.18
N VAL B 76 -12.52 13.27 26.24
CA VAL B 76 -11.65 12.22 26.76
C VAL B 76 -11.62 12.22 28.29
N VAL B 77 -12.05 11.10 28.88
CA VAL B 77 -12.09 10.85 30.32
C VAL B 77 -10.86 10.06 30.85
N GLY B 78 -10.35 9.10 30.09
CA GLY B 78 -9.16 8.37 30.52
C GLY B 78 -8.65 7.36 29.53
N VAL B 79 -7.47 6.83 29.79
CA VAL B 79 -6.78 5.95 28.85
C VAL B 79 -6.04 4.86 29.55
N THR B 80 -6.35 3.61 29.24
CA THR B 80 -5.50 2.51 29.59
C THR B 80 -4.79 1.90 28.35
N MET B 81 -3.70 1.16 28.58
CA MET B 81 -2.91 0.52 27.51
C MET B 81 -3.02 -0.98 27.61
N HIS B 82 -3.39 -1.66 26.54
CA HIS B 82 -3.50 -3.11 26.49
C HIS B 82 -2.75 -3.65 25.26
N GLY B 83 -1.68 -4.39 25.53
CA GLY B 83 -0.68 -4.70 24.54
C GLY B 83 -0.44 -3.53 23.64
N SER B 84 -0.74 -3.71 22.35
CA SER B 84 -0.47 -2.67 21.32
C SER B 84 -1.61 -1.70 21.07
N VAL B 85 -2.66 -1.73 21.86
CA VAL B 85 -3.72 -0.67 21.76
C VAL B 85 -3.92 0.19 23.01
N LEU B 86 -4.52 1.35 22.82
CA LEU B 86 -5.11 2.15 23.90
C LEU B 86 -6.59 1.96 23.96
N ARG B 87 -7.17 1.92 25.16
CA ARG B 87 -8.62 2.09 25.35
C ARG B 87 -8.86 3.44 25.99
N ILE B 88 -9.41 4.32 25.18
CA ILE B 88 -9.67 5.67 25.53
C ILE B 88 -11.11 5.73 25.95
N LYS B 89 -11.32 6.00 27.23
CA LYS B 89 -12.64 6.20 27.76
C LYS B 89 -13.11 7.59 27.38
N VAL B 90 -14.32 7.70 26.85
CA VAL B 90 -14.90 9.03 26.50
C VAL B 90 -16.26 9.25 27.17
N SER B 91 -16.70 10.50 27.22
CA SER B 91 -17.95 10.86 27.99
C SER B 91 -19.22 10.27 27.33
N GLN B 92 -19.24 10.33 26.00
CA GLN B 92 -20.40 9.96 25.22
C GLN B 92 -20.32 8.48 24.84
N SER B 93 -21.43 7.78 24.99
CA SER B 93 -21.55 6.43 24.51
C SER B 93 -22.00 6.48 23.00
N ASN B 94 -21.40 5.66 22.13
CA ASN B 94 -21.77 5.61 20.71
C ASN B 94 -23.14 4.99 20.64
N VAL B 95 -24.13 5.82 20.29
CA VAL B 95 -25.49 5.33 20.19
C VAL B 95 -25.68 4.37 19.00
N HIS B 96 -24.77 4.41 18.01
CA HIS B 96 -24.81 3.46 16.90
C HIS B 96 -23.94 2.23 17.12
N THR B 97 -23.57 1.96 18.38
CA THR B 97 -22.85 0.75 18.69
C THR B 97 -23.64 -0.48 18.25
N PRO B 98 -23.09 -1.29 17.33
CA PRO B 98 -23.81 -2.53 16.97
C PRO B 98 -23.61 -3.60 18.02
N LYS B 99 -24.48 -4.59 18.04
CA LYS B 99 -24.25 -5.79 18.83
C LYS B 99 -22.93 -6.41 18.37
N HIS B 100 -22.03 -6.68 19.29
CA HIS B 100 -20.72 -7.15 18.87
C HIS B 100 -19.98 -7.97 19.86
N VAL B 101 -18.89 -8.53 19.37
CA VAL B 101 -18.04 -9.43 20.06
C VAL B 101 -16.61 -9.09 19.60
N PHE B 102 -15.61 -9.41 20.42
CA PHE B 102 -14.22 -9.40 19.96
C PHE B 102 -13.82 -10.81 19.61
N LYS B 103 -13.22 -11.01 18.45
CA LYS B 103 -12.77 -12.32 18.08
C LYS B 103 -11.35 -12.24 17.50
N THR B 104 -10.53 -13.22 17.84
CA THR B 104 -9.18 -13.33 17.34
C THR B 104 -9.14 -14.30 16.14
N LEU B 105 -8.64 -13.86 15.02
CA LEU B 105 -8.58 -14.68 13.80
C LEU B 105 -7.48 -15.74 13.89
N LYS B 106 -7.62 -16.78 13.08
CA LYS B 106 -6.65 -17.82 12.87
C LYS B 106 -6.31 -17.82 11.44
N PRO B 107 -5.09 -18.24 11.09
CA PRO B 107 -4.71 -18.38 9.69
C PRO B 107 -5.76 -19.10 8.88
N GLY B 108 -5.98 -18.58 7.68
CA GLY B 108 -7.04 -19.05 6.83
C GLY B 108 -8.44 -18.44 7.03
N ASP B 109 -8.67 -17.70 8.12
CA ASP B 109 -9.95 -17.04 8.29
C ASP B 109 -10.01 -15.84 7.32
N SER B 110 -11.16 -15.68 6.69
CA SER B 110 -11.47 -14.51 5.90
C SER B 110 -12.07 -13.42 6.77
N PHE B 111 -11.89 -12.16 6.39
CA PHE B 111 -12.52 -11.06 7.07
C PHE B 111 -12.55 -9.83 6.15
N ASN B 112 -13.01 -8.71 6.66
CA ASN B 112 -13.19 -7.51 5.90
C ASN B 112 -12.39 -6.44 6.54
N ILE B 113 -11.78 -5.59 5.73
CA ILE B 113 -11.10 -4.41 6.17
C ILE B 113 -11.83 -3.19 5.68
N LEU B 114 -12.07 -2.22 6.58
CA LEU B 114 -12.53 -0.92 6.27
C LEU B 114 -11.36 0.01 6.39
N ALA B 115 -10.79 0.40 5.25
CA ALA B 115 -9.65 1.29 5.25
C ALA B 115 -10.09 2.69 5.56
N CYS B 116 -9.45 3.34 6.53
CA CYS B 116 -9.83 4.66 6.98
C CYS B 116 -8.67 5.61 7.05
N TYR B 117 -8.96 6.89 6.89
CA TYR B 117 -7.96 7.96 6.99
C TYR B 117 -8.64 9.10 7.73
N GLU B 118 -7.97 9.63 8.76
CA GLU B 118 -8.47 10.76 9.53
C GLU B 118 -9.86 10.50 10.10
N GLY B 119 -10.19 9.27 10.41
CA GLY B 119 -11.52 9.01 10.97
C GLY B 119 -12.65 8.76 10.00
N ILE B 120 -12.33 8.72 8.70
CA ILE B 120 -13.30 8.61 7.61
C ILE B 120 -12.98 7.38 6.75
N ALA B 121 -13.92 6.49 6.62
CA ALA B 121 -13.74 5.36 5.74
C ALA B 121 -13.57 5.81 4.27
N SER B 122 -12.63 5.17 3.61
CA SER B 122 -12.28 5.38 2.25
C SER B 122 -12.56 4.21 1.33
N GLY B 123 -12.44 2.99 1.84
CA GLY B 123 -12.67 1.80 1.00
C GLY B 123 -12.85 0.55 1.84
N VAL B 124 -13.37 -0.49 1.22
CA VAL B 124 -13.69 -1.70 1.93
C VAL B 124 -13.41 -2.89 1.07
N PHE B 125 -12.79 -3.89 1.65
CA PHE B 125 -12.38 -5.05 0.89
C PHE B 125 -12.24 -6.29 1.75
N GLY B 126 -12.46 -7.45 1.14
CA GLY B 126 -12.31 -8.71 1.85
C GLY B 126 -10.86 -9.20 1.75
N VAL B 127 -10.42 -9.97 2.74
CA VAL B 127 -9.02 -10.38 2.84
C VAL B 127 -8.94 -11.63 3.67
N ASN B 128 -7.80 -12.33 3.61
CA ASN B 128 -7.59 -13.56 4.39
C ASN B 128 -6.38 -13.39 5.27
N LEU B 129 -6.46 -13.87 6.50
CA LEU B 129 -5.27 -14.01 7.32
C LEU B 129 -4.42 -15.13 6.78
N ARG B 130 -3.21 -14.80 6.38
CA ARG B 130 -2.30 -15.80 5.80
C ARG B 130 -1.64 -16.67 6.84
N THR B 131 -0.95 -17.71 6.38
CA THR B 131 -0.26 -18.65 7.29
C THR B 131 0.80 -17.98 8.11
N ASN B 132 1.37 -16.91 7.59
CA ASN B 132 2.36 -16.12 8.28
C ASN B 132 1.85 -14.95 9.11
N PHE B 133 0.55 -14.95 9.37
CA PHE B 133 -0.14 -13.97 10.19
C PHE B 133 -0.16 -12.57 9.64
N THR B 134 0.14 -12.41 8.36
CA THR B 134 -0.07 -11.11 7.69
C THR B 134 -1.29 -11.13 6.79
N ILE B 135 -1.60 -9.97 6.24
CA ILE B 135 -2.51 -9.86 5.11
C ILE B 135 -1.89 -9.04 4.03
N LYS B 136 -2.42 -9.13 2.83
CA LYS B 136 -2.10 -8.26 1.73
C LYS B 136 -3.25 -7.30 1.48
N GLY B 137 -3.09 -6.09 1.98
CA GLY B 137 -4.04 -5.05 1.87
C GLY B 137 -3.46 -3.96 1.00
N SER B 138 -4.06 -2.80 1.12
CA SER B 138 -3.62 -1.62 0.45
C SER B 138 -3.88 -0.56 1.52
N PHE B 139 -2.79 -0.04 2.07
CA PHE B 139 -2.84 0.94 3.10
C PHE B 139 -1.70 1.92 2.92
N ILE B 140 -1.94 3.20 3.11
CA ILE B 140 -0.83 4.18 3.15
C ILE B 140 -0.87 4.93 4.49
N ASN B 141 0.04 5.90 4.63
CA ASN B 141 0.16 6.71 5.83
C ASN B 141 -1.20 7.22 6.22
N GLY B 142 -1.55 7.00 7.47
CA GLY B 142 -2.82 7.38 8.02
C GLY B 142 -3.80 6.26 8.24
N ALA B 143 -3.50 5.06 7.71
CA ALA B 143 -4.42 3.94 7.78
C ALA B 143 -4.46 3.25 9.13
N CYS B 144 -3.43 3.44 9.94
CA CYS B 144 -3.37 2.76 11.23
C CYS B 144 -4.66 3.02 12.03
N GLY B 145 -5.13 1.95 12.63
CA GLY B 145 -6.39 1.93 13.25
C GLY B 145 -7.58 1.52 12.39
N SER B 146 -7.40 1.37 11.09
CA SER B 146 -8.45 0.82 10.25
C SER B 146 -8.91 -0.51 10.80
N PRO B 147 -10.22 -0.73 10.97
CA PRO B 147 -10.68 -1.98 11.55
C PRO B 147 -10.94 -3.10 10.57
N GLY B 148 -10.83 -4.31 11.04
CA GLY B 148 -11.26 -5.49 10.33
C GLY B 148 -12.36 -6.17 11.09
N TYR B 149 -13.27 -6.83 10.38
CA TYR B 149 -14.52 -7.31 10.96
C TYR B 149 -15.13 -8.41 10.17
N ASN B 150 -15.98 -9.19 10.83
CA ASN B 150 -16.93 -10.09 10.18
C ASN B 150 -18.31 -9.81 10.76
N VAL B 151 -19.32 -10.14 10.01
CA VAL B 151 -20.71 -9.98 10.48
C VAL B 151 -21.33 -11.37 10.41
N ARG B 152 -21.80 -11.83 11.56
CA ARG B 152 -22.39 -13.16 11.63
C ARG B 152 -23.75 -13.13 10.99
N ASN B 153 -24.33 -14.32 10.75
CA ASN B 153 -25.73 -14.43 10.23
C ASN B 153 -26.79 -13.76 11.11
N ASP B 154 -26.60 -13.79 12.43
CA ASP B 154 -27.48 -13.04 13.36
C ASP B 154 -27.33 -11.51 13.42
N GLY B 155 -26.38 -10.91 12.67
CA GLY B 155 -26.16 -9.42 12.66
C GLY B 155 -25.06 -8.92 13.61
N THR B 156 -24.47 -9.87 14.35
CA THR B 156 -23.45 -9.58 15.40
C THR B 156 -22.11 -9.31 14.73
N VAL B 157 -21.50 -8.16 15.02
CA VAL B 157 -20.21 -7.84 14.42
C VAL B 157 -19.07 -8.45 15.24
N GLU B 158 -18.21 -9.24 14.62
CA GLU B 158 -16.93 -9.62 15.23
C GLU B 158 -15.88 -8.61 14.84
N PHE B 159 -15.38 -7.86 15.80
CA PHE B 159 -14.27 -6.97 15.57
C PHE B 159 -13.00 -7.80 15.81
N CYS B 160 -12.15 -7.87 14.78
CA CYS B 160 -11.05 -8.80 14.81
C CYS B 160 -9.64 -8.27 14.41
N TYR B 161 -9.53 -7.01 14.02
CA TYR B 161 -8.28 -6.48 13.50
C TYR B 161 -8.27 -5.01 13.68
N LEU B 162 -7.10 -4.45 13.94
CA LEU B 162 -6.85 -3.03 13.86
C LEU B 162 -5.52 -2.91 13.21
N HIS B 163 -5.43 -2.12 12.16
CA HIS B 163 -4.24 -2.02 11.42
C HIS B 163 -3.13 -1.32 12.22
N GLN B 164 -1.95 -1.91 12.18
CA GLN B 164 -0.78 -1.49 12.99
C GLN B 164 0.46 -1.22 12.13
N ILE B 165 0.84 -2.13 11.23
CA ILE B 165 2.01 -1.88 10.45
C ILE B 165 2.11 -2.51 9.11
N GLU B 166 3.00 -1.92 8.31
CA GLU B 166 3.51 -2.46 7.09
C GLU B 166 4.95 -2.88 7.27
N LEU B 167 5.21 -4.17 7.07
CA LEU B 167 6.57 -4.77 7.09
C LEU B 167 7.35 -4.34 5.87
N GLY B 168 8.66 -4.61 5.88
CA GLY B 168 9.51 -4.19 4.77
C GLY B 168 9.13 -4.87 3.47
N SER B 169 8.63 -6.09 3.56
CA SER B 169 8.06 -6.77 2.41
C SER B 169 6.85 -6.13 1.77
N GLY B 170 6.15 -5.19 2.45
CA GLY B 170 4.82 -4.70 1.97
C GLY B 170 3.64 -5.41 2.61
N ALA B 171 3.89 -6.50 3.33
CA ALA B 171 2.82 -7.22 4.00
C ALA B 171 2.33 -6.44 5.22
N HIS B 172 1.07 -6.66 5.54
CA HIS B 172 0.36 -5.87 6.54
C HIS B 172 0.05 -6.66 7.81
N VAL B 173 0.20 -5.99 8.95
CA VAL B 173 -0.04 -6.62 10.24
C VAL B 173 -0.94 -5.77 11.11
N GLY B 174 -1.83 -6.44 11.83
CA GLY B 174 -2.65 -5.73 12.79
C GLY B 174 -2.65 -6.42 14.15
N SER B 175 -3.41 -5.85 15.09
CA SER B 175 -3.65 -6.50 16.33
C SER B 175 -5.11 -6.86 16.41
N ASP B 176 -5.50 -7.76 17.32
CA ASP B 176 -6.89 -7.85 17.73
C ASP B 176 -7.24 -6.74 18.69
N PHE B 177 -8.47 -6.74 19.18
CA PHE B 177 -8.95 -5.67 20.06
C PHE B 177 -8.52 -5.84 21.51
N THR B 178 -7.88 -6.97 21.85
CA THR B 178 -7.22 -7.12 23.15
C THR B 178 -5.81 -6.54 23.11
N GLY B 179 -5.30 -6.15 21.93
CA GLY B 179 -3.96 -5.59 21.78
C GLY B 179 -2.89 -6.63 21.46
N SER B 180 -3.23 -7.93 21.32
CA SER B 180 -2.28 -8.90 20.76
C SER B 180 -2.03 -8.65 19.31
N VAL B 181 -0.77 -8.49 18.93
CA VAL B 181 -0.41 -8.39 17.54
C VAL B 181 -0.44 -9.78 16.90
N TYR B 182 -1.07 -9.91 15.77
CA TYR B 182 -1.12 -11.19 15.05
C TYR B 182 0.29 -11.58 14.72
N GLY B 183 0.58 -12.85 14.94
CA GLY B 183 1.90 -13.40 14.69
C GLY B 183 3.04 -12.90 15.62
N ASN B 184 2.69 -12.24 16.72
CA ASN B 184 3.67 -11.64 17.59
C ASN B 184 4.70 -10.69 16.94
N PHE B 185 4.33 -10.02 15.88
CA PHE B 185 5.15 -8.93 15.44
C PHE B 185 5.11 -7.83 16.50
N ASP B 186 6.01 -6.87 16.34
CA ASP B 186 6.18 -5.80 17.25
C ASP B 186 5.64 -4.58 16.60
N ASP B 187 5.00 -3.72 17.38
CA ASP B 187 4.53 -2.44 16.92
C ASP B 187 5.61 -1.39 17.10
N GLN B 188 6.70 -1.66 16.46
CA GLN B 188 7.92 -0.87 16.50
C GLN B 188 8.50 -0.75 15.09
N PRO B 189 9.12 0.36 14.76
CA PRO B 189 9.85 0.36 13.44
C PRO B 189 11.01 -0.62 13.52
N SER B 190 11.13 -1.53 12.59
CA SER B 190 12.14 -2.59 12.74
C SER B 190 12.31 -3.26 11.38
N LEU B 191 13.18 -4.25 11.33
CA LEU B 191 13.41 -4.95 10.09
C LEU B 191 12.77 -6.32 10.18
N GLN B 192 11.78 -6.49 11.04
CA GLN B 192 11.14 -7.80 11.23
C GLN B 192 10.55 -8.38 9.92
N VAL B 193 10.51 -9.69 9.90
CA VAL B 193 10.32 -10.46 8.67
C VAL B 193 9.30 -11.56 8.89
N GLU B 194 8.34 -11.60 7.99
CA GLU B 194 7.31 -12.69 8.05
C GLU B 194 7.89 -14.02 7.58
N SER B 195 7.36 -15.14 8.10
CA SER B 195 7.57 -16.43 7.49
C SER B 195 6.94 -16.55 6.09
N ALA B 196 7.15 -17.68 5.50
CA ALA B 196 6.71 -17.94 4.14
C ALA B 196 5.19 -17.94 4.06
N ASN B 197 4.69 -17.29 3.04
CA ASN B 197 3.31 -17.37 2.67
C ASN B 197 3.00 -18.70 1.90
N LEU B 198 2.25 -19.56 2.57
CA LEU B 198 1.78 -20.81 1.98
C LEU B 198 0.38 -20.70 1.34
N MET B 199 0.23 -21.22 0.11
CA MET B 199 -1.09 -21.32 -0.54
C MET B 199 -2.04 -22.12 0.33
N LEU B 200 -3.24 -21.60 0.58
CA LEU B 200 -4.21 -22.25 1.44
C LEU B 200 -5.00 -23.29 0.63
N SER B 201 -4.63 -24.55 0.83
CA SER B 201 -5.12 -25.63 0.01
C SER B 201 -6.62 -25.78 0.12
N ASP B 202 -7.19 -25.56 1.30
CA ASP B 202 -8.64 -25.67 1.44
C ASP B 202 -9.40 -24.72 0.56
N ASN B 203 -8.83 -23.53 0.36
CA ASN B 203 -9.47 -22.49 -0.41
C ASN B 203 -9.33 -22.82 -1.88
N VAL B 204 -8.16 -23.34 -2.25
CA VAL B 204 -7.92 -23.71 -3.61
C VAL B 204 -8.89 -24.80 -4.03
N VAL B 205 -9.19 -25.73 -3.13
CA VAL B 205 -10.17 -26.77 -3.45
C VAL B 205 -11.55 -26.15 -3.67
N ALA B 206 -11.94 -25.27 -2.76
CA ALA B 206 -13.23 -24.56 -2.85
C ALA B 206 -13.36 -23.82 -4.16
N PHE B 207 -12.31 -23.16 -4.55
CA PHE B 207 -12.27 -22.39 -5.77
C PHE B 207 -12.43 -23.29 -6.99
N LEU B 208 -11.81 -24.46 -7.01
CA LEU B 208 -11.96 -25.35 -8.17
C LEU B 208 -13.38 -25.89 -8.22
N TYR B 209 -13.98 -26.22 -7.07
CA TYR B 209 -15.37 -26.56 -7.08
C TYR B 209 -16.23 -25.41 -7.69
N ALA B 210 -15.94 -24.18 -7.30
CA ALA B 210 -16.67 -23.05 -7.87
C ALA B 210 -16.50 -22.98 -9.38
N ALA B 211 -15.28 -23.23 -9.85
CA ALA B 211 -15.04 -23.26 -11.27
C ALA B 211 -15.91 -24.33 -11.94
N LEU B 212 -15.98 -25.53 -11.38
CA LEU B 212 -16.78 -26.59 -12.04
C LEU B 212 -18.26 -26.17 -12.15
N LEU B 213 -18.79 -25.65 -11.05
CA LEU B 213 -20.16 -25.21 -10.99
C LEU B 213 -20.45 -23.99 -11.87
N ASN B 214 -19.47 -23.24 -12.32
CA ASN B 214 -19.64 -22.17 -13.30
C ASN B 214 -19.23 -22.64 -14.71
N GLY B 215 -19.31 -23.97 -14.96
CA GLY B 215 -18.91 -24.56 -16.25
C GLY B 215 -17.48 -24.38 -16.76
N CYS B 216 -16.53 -24.07 -15.88
CA CYS B 216 -15.10 -23.99 -16.25
C CYS B 216 -14.44 -25.30 -15.79
N ARG B 217 -14.14 -26.17 -16.76
CA ARG B 217 -13.76 -27.58 -16.48
C ARG B 217 -12.57 -28.09 -17.31
N TRP B 218 -11.97 -27.24 -18.13
CA TRP B 218 -10.87 -27.64 -19.02
C TRP B 218 -9.65 -28.21 -18.29
N TRP B 219 -9.45 -27.78 -17.04
CA TRP B 219 -8.24 -28.02 -16.24
C TRP B 219 -8.34 -29.38 -15.49
N LEU B 220 -9.54 -29.95 -15.46
CA LEU B 220 -9.80 -31.12 -14.65
C LEU B 220 -9.04 -32.34 -15.19
N CYS B 221 -8.08 -32.86 -14.43
CA CYS B 221 -7.40 -34.07 -14.90
C CYS B 221 -8.13 -35.28 -14.30
N SER B 222 -7.89 -36.43 -14.92
CA SER B 222 -8.61 -37.66 -14.55
C SER B 222 -7.72 -38.57 -13.71
N THR B 223 -6.75 -37.98 -13.02
CA THR B 223 -5.96 -38.64 -11.98
C THR B 223 -6.65 -38.44 -10.59
N ARG B 224 -6.40 -39.32 -9.63
CA ARG B 224 -6.71 -39.15 -8.22
C ARG B 224 -5.39 -39.09 -7.43
N VAL B 225 -5.37 -38.29 -6.35
CA VAL B 225 -4.35 -38.37 -5.30
C VAL B 225 -5.10 -38.34 -3.98
N ASN B 226 -4.70 -39.16 -2.99
CA ASN B 226 -5.35 -39.10 -1.68
C ASN B 226 -4.76 -37.96 -0.81
N VAL B 227 -5.44 -37.71 0.31
CA VAL B 227 -5.10 -36.62 1.23
C VAL B 227 -3.63 -36.68 1.69
N ASP B 228 -3.22 -37.84 2.20
CA ASP B 228 -1.89 -38.00 2.80
C ASP B 228 -0.79 -37.76 1.77
N GLY B 229 -1.00 -38.22 0.53
CA GLY B 229 -0.06 -37.95 -0.59
C GLY B 229 -0.02 -36.49 -1.04
N PHE B 230 -1.19 -35.87 -1.14
CA PHE B 230 -1.24 -34.44 -1.43
C PHE B 230 -0.49 -33.67 -0.30
N ASN B 231 -0.77 -34.01 0.96
CA ASN B 231 -0.18 -33.29 2.09
C ASN B 231 1.35 -33.33 2.12
N GLU B 232 1.92 -34.45 1.67
CA GLU B 232 3.35 -34.60 1.53
C GLU B 232 3.89 -33.75 0.38
N TRP B 233 3.18 -33.81 -0.74
CA TRP B 233 3.52 -32.97 -1.87
C TRP B 233 3.49 -31.42 -1.48
N ALA B 234 2.52 -31.08 -0.63
CA ALA B 234 2.19 -29.70 -0.27
C ALA B 234 3.35 -29.01 0.42
N MET B 235 3.85 -29.72 1.42
CA MET B 235 5.05 -29.35 2.18
C MET B 235 6.23 -29.00 1.28
N ALA B 236 6.40 -29.77 0.24
CA ALA B 236 7.52 -29.55 -0.65
C ALA B 236 7.25 -28.44 -1.63
N ASN B 237 5.98 -28.07 -1.86
CA ASN B 237 5.64 -27.16 -2.95
C ASN B 237 4.96 -25.81 -2.59
N GLY B 238 4.81 -25.53 -1.30
CA GLY B 238 4.40 -24.23 -0.81
C GLY B 238 2.90 -24.12 -0.58
N TYR B 239 2.31 -25.19 -0.05
CA TYR B 239 0.88 -25.33 0.09
C TYR B 239 0.68 -25.85 1.46
N THR B 240 -0.45 -25.51 2.09
CA THR B 240 -0.83 -26.13 3.35
C THR B 240 -1.31 -27.53 3.08
N SER B 241 -1.46 -28.26 4.15
CA SER B 241 -2.29 -29.45 4.11
C SER B 241 -3.72 -29.10 3.83
N VAL B 242 -4.43 -30.13 3.38
CA VAL B 242 -5.86 -30.04 3.16
C VAL B 242 -6.58 -30.69 4.36
N SER B 243 -7.68 -30.07 4.78
CA SER B 243 -8.55 -30.59 5.86
C SER B 243 -9.38 -31.73 5.34
N SER B 244 -9.96 -32.47 6.28
CA SER B 244 -10.70 -33.69 5.95
C SER B 244 -11.62 -33.50 4.74
N VAL B 245 -11.54 -34.44 3.79
CA VAL B 245 -12.35 -34.43 2.56
C VAL B 245 -13.87 -34.30 2.78
N GLU B 246 -14.41 -34.76 3.92
CA GLU B 246 -15.90 -34.76 4.02
C GLU B 246 -16.47 -33.34 4.15
N CYS B 247 -15.66 -32.34 4.53
CA CYS B 247 -16.02 -30.89 4.44
C CYS B 247 -16.67 -30.54 3.10
N TYR B 248 -16.13 -31.12 2.01
CA TYR B 248 -16.57 -30.80 0.67
C TYR B 248 -17.69 -31.68 0.10
N SER B 249 -18.37 -32.44 0.94
CA SER B 249 -19.29 -33.50 0.46
C SER B 249 -20.45 -32.94 -0.37
N ILE B 250 -21.00 -31.80 0.02
CA ILE B 250 -22.10 -31.19 -0.73
C ILE B 250 -21.65 -30.84 -2.14
N LEU B 251 -20.46 -30.26 -2.29
CA LEU B 251 -19.97 -29.82 -3.58
C LEU B 251 -19.47 -30.98 -4.41
N ALA B 252 -18.90 -32.01 -3.76
CA ALA B 252 -18.53 -33.28 -4.44
C ALA B 252 -19.77 -33.94 -5.06
N ALA B 253 -20.83 -34.01 -4.27
CA ALA B 253 -22.12 -34.50 -4.75
C ALA B 253 -22.64 -33.62 -5.90
N LYS B 254 -22.73 -32.31 -5.74
CA LYS B 254 -23.27 -31.46 -6.83
C LYS B 254 -22.43 -31.49 -8.14
N THR B 255 -21.14 -31.77 -8.10
CA THR B 255 -20.35 -31.72 -9.32
C THR B 255 -20.07 -33.10 -9.87
N GLY B 256 -20.25 -34.11 -9.03
CA GLY B 256 -19.73 -35.44 -9.30
C GLY B 256 -18.22 -35.61 -9.31
N VAL B 257 -17.47 -34.63 -8.78
CA VAL B 257 -15.99 -34.71 -8.69
C VAL B 257 -15.57 -34.80 -7.22
N SER B 258 -14.68 -35.74 -6.95
CA SER B 258 -14.19 -35.96 -5.60
C SER B 258 -13.02 -35.00 -5.31
N VAL B 259 -12.76 -34.79 -4.03
CA VAL B 259 -11.63 -33.96 -3.64
C VAL B 259 -10.32 -34.47 -4.20
N GLU B 260 -10.18 -35.81 -4.18
CA GLU B 260 -8.95 -36.47 -4.62
C GLU B 260 -8.59 -36.13 -6.07
N GLN B 261 -9.63 -35.97 -6.89
CA GLN B 261 -9.46 -35.55 -8.29
C GLN B 261 -8.97 -34.11 -8.37
N LEU B 262 -9.50 -33.29 -7.46
CA LEU B 262 -9.08 -31.89 -7.41
C LEU B 262 -7.64 -31.75 -6.92
N LEU B 263 -7.29 -32.55 -5.92
CA LEU B 263 -5.91 -32.54 -5.40
C LEU B 263 -4.90 -32.85 -6.50
N ALA B 264 -5.22 -33.85 -7.31
CA ALA B 264 -4.37 -34.19 -8.47
C ALA B 264 -4.34 -33.04 -9.45
N SER B 265 -5.54 -32.50 -9.70
CA SER B 265 -5.61 -31.35 -10.61
C SER B 265 -4.74 -30.16 -10.07
N ILE B 266 -4.69 -29.97 -8.76
CA ILE B 266 -3.82 -28.90 -8.20
C ILE B 266 -2.35 -29.14 -8.53
N GLN B 267 -1.92 -30.39 -8.29
CA GLN B 267 -0.53 -30.80 -8.62
C GLN B 267 -0.19 -30.48 -10.07
N HIS B 268 -1.10 -30.77 -11.01
CA HIS B 268 -0.86 -30.46 -12.42
C HIS B 268 -0.82 -28.94 -12.63
N LEU B 269 -1.83 -28.25 -12.09
CA LEU B 269 -2.00 -26.80 -12.37
C LEU B 269 -0.90 -25.91 -11.77
N HIS B 270 -0.34 -26.39 -10.65
CA HIS B 270 0.88 -25.81 -10.07
C HIS B 270 1.96 -25.45 -11.13
N GLU B 271 2.10 -26.30 -12.16
CA GLU B 271 3.11 -26.10 -13.23
C GLU B 271 2.86 -24.90 -14.18
N GLY B 272 1.66 -24.31 -14.14
CA GLY B 272 1.27 -23.19 -15.01
C GLY B 272 -0.01 -23.51 -15.75
N PHE B 273 -0.74 -22.46 -16.12
CA PHE B 273 -2.05 -22.63 -16.79
C PHE B 273 -1.90 -22.84 -18.33
N GLY B 274 -0.70 -22.61 -18.84
CA GLY B 274 -0.47 -22.45 -20.27
C GLY B 274 -1.03 -21.06 -20.49
N GLY B 275 -1.70 -20.89 -21.63
CA GLY B 275 -2.34 -19.58 -21.94
C GLY B 275 -3.64 -19.28 -21.13
N LYS B 276 -4.22 -20.33 -20.54
CA LYS B 276 -5.65 -20.36 -20.23
C LYS B 276 -5.92 -19.70 -18.87
N ASN B 277 -7.20 -19.67 -18.49
CA ASN B 277 -7.61 -19.13 -17.17
C ASN B 277 -8.78 -19.91 -16.52
N ILE B 278 -9.00 -19.64 -15.24
CA ILE B 278 -10.05 -20.27 -14.46
C ILE B 278 -10.80 -19.16 -13.78
N LEU B 279 -12.06 -18.94 -14.18
CA LEU B 279 -12.86 -17.81 -13.69
C LEU B 279 -12.10 -16.47 -13.79
N GLY B 280 -11.31 -16.35 -14.87
CA GLY B 280 -10.45 -15.19 -15.13
C GLY B 280 -9.07 -15.13 -14.46
N TYR B 281 -8.78 -16.07 -13.55
CA TYR B 281 -7.51 -16.06 -12.82
C TYR B 281 -6.49 -16.82 -13.63
N SER B 282 -5.31 -16.23 -13.81
CA SER B 282 -4.27 -16.85 -14.63
C SER B 282 -3.36 -17.80 -13.79
N SER B 283 -3.60 -17.92 -12.46
CA SER B 283 -2.95 -18.95 -11.62
C SER B 283 -3.90 -19.41 -10.51
N LEU B 284 -3.54 -20.42 -9.76
CA LEU B 284 -4.45 -20.95 -8.77
C LEU B 284 -4.76 -19.87 -7.74
N CYS B 285 -6.00 -19.86 -7.27
CA CYS B 285 -6.52 -18.82 -6.40
C CYS B 285 -6.93 -19.45 -5.06
N ASP B 286 -6.34 -18.94 -3.99
CA ASP B 286 -6.63 -19.31 -2.59
C ASP B 286 -7.34 -18.19 -1.81
N GLU B 287 -7.92 -17.25 -2.55
CA GLU B 287 -8.60 -16.07 -2.02
C GLU B 287 -9.96 -16.41 -1.42
N PHE B 288 -10.59 -17.53 -1.76
CA PHE B 288 -11.99 -17.87 -1.30
C PHE B 288 -12.13 -19.05 -0.40
N THR B 289 -12.80 -18.91 0.73
CA THR B 289 -13.04 -20.06 1.57
C THR B 289 -14.18 -20.89 1.05
N LEU B 290 -14.29 -22.10 1.61
CA LEU B 290 -15.40 -22.97 1.37
C LEU B 290 -16.74 -22.25 1.62
N ALA B 291 -16.85 -21.63 2.80
CA ALA B 291 -18.02 -20.91 3.21
C ALA B 291 -18.36 -19.78 2.21
N GLU B 292 -17.36 -19.02 1.77
CA GLU B 292 -17.59 -18.00 0.80
C GLU B 292 -18.08 -18.55 -0.53
N VAL B 293 -17.50 -19.65 -1.00
CA VAL B 293 -17.93 -20.23 -2.27
C VAL B 293 -19.38 -20.70 -2.12
N VAL B 294 -19.68 -21.38 -1.04
CA VAL B 294 -21.03 -21.88 -0.82
C VAL B 294 -22.05 -20.71 -0.77
N LYS B 295 -21.73 -19.65 -0.04
CA LYS B 295 -22.60 -18.49 0.09
C LYS B 295 -22.81 -17.83 -1.28
N GLN B 296 -21.75 -17.62 -2.06
CA GLN B 296 -21.89 -17.03 -3.39
C GLN B 296 -22.60 -17.92 -4.45
N MET B 297 -22.55 -19.23 -4.30
CA MET B 297 -23.15 -20.16 -5.27
C MET B 297 -24.62 -20.49 -4.94
N TYR B 298 -24.96 -20.53 -3.64
CA TYR B 298 -26.25 -20.98 -3.14
C TYR B 298 -26.98 -20.09 -2.11
N GLY B 299 -26.35 -19.13 -1.43
CA GLY B 299 -26.98 -18.29 -0.32
C GLY B 299 -26.86 -18.87 1.11
N VAL B 300 -27.33 -18.11 2.12
CA VAL B 300 -27.41 -18.49 3.60
C VAL B 300 -26.17 -19.20 4.29
N SER C 1 1.57 0.96 1.16
CA SER C 1 1.67 0.38 -0.24
C SER C 1 0.68 -0.77 -0.43
N GLY C 2 0.71 -1.41 -1.60
CA GLY C 2 -0.22 -2.47 -1.96
C GLY C 2 -1.28 -1.87 -2.94
N LEU C 3 -1.92 -2.78 -3.68
CA LEU C 3 -2.97 -2.41 -4.59
C LEU C 3 -4.03 -3.48 -4.48
N LYS C 4 -5.26 -3.11 -4.15
CA LYS C 4 -6.33 -4.08 -3.89
C LYS C 4 -7.58 -3.50 -4.48
N LYS C 5 -8.35 -4.34 -5.15
CA LYS C 5 -9.61 -3.90 -5.75
C LYS C 5 -10.60 -3.76 -4.59
N MET C 6 -11.06 -2.55 -4.40
CA MET C 6 -11.86 -2.24 -3.24
C MET C 6 -13.14 -1.55 -3.67
N ALA C 7 -14.10 -1.54 -2.76
CA ALA C 7 -15.32 -0.81 -2.92
C ALA C 7 -15.35 0.42 -2.06
N GLN C 8 -16.06 1.45 -2.52
CA GLN C 8 -16.30 2.57 -1.65
C GLN C 8 -17.31 2.15 -0.58
N PRO C 9 -17.24 2.79 0.58
CA PRO C 9 -18.05 2.35 1.72
C PRO C 9 -19.54 2.35 1.40
N SER C 10 -20.28 1.40 1.93
CA SER C 10 -21.61 1.10 1.47
C SER C 10 -22.74 1.65 2.36
N GLY C 11 -22.42 2.25 3.48
CA GLY C 11 -23.46 2.77 4.43
C GLY C 11 -24.55 3.68 3.88
N CYS C 12 -24.15 4.75 3.23
CA CYS C 12 -25.12 5.67 2.65
C CYS C 12 -26.05 4.97 1.65
N VAL C 13 -25.61 3.92 0.97
CA VAL C 13 -26.47 3.19 0.03
C VAL C 13 -27.32 2.10 0.67
N GLU C 14 -26.79 1.47 1.70
CA GLU C 14 -27.53 0.44 2.40
C GLU C 14 -28.85 1.02 3.01
N ARG C 15 -28.82 2.29 3.36
CA ARG C 15 -29.95 2.94 3.91
C ARG C 15 -31.06 3.21 2.85
N CYS C 16 -30.77 3.00 1.56
CA CYS C 16 -31.70 3.20 0.53
C CYS C 16 -32.20 1.91 -0.03
N VAL C 17 -31.78 0.76 0.48
CA VAL C 17 -32.17 -0.48 -0.12
C VAL C 17 -33.46 -1.02 0.50
N VAL C 18 -34.39 -1.47 -0.35
CA VAL C 18 -35.64 -2.02 0.16
C VAL C 18 -36.00 -3.29 -0.52
N ARG C 19 -36.88 -4.04 0.15
CA ARG C 19 -37.46 -5.26 -0.38
C ARG C 19 -38.74 -4.93 -1.17
N VAL C 20 -38.82 -5.37 -2.42
CA VAL C 20 -39.97 -5.13 -3.26
C VAL C 20 -40.57 -6.43 -3.66
N CYS C 21 -41.84 -6.62 -3.26
CA CYS C 21 -42.53 -7.84 -3.56
C CYS C 21 -43.76 -7.51 -4.41
N TYR C 22 -43.95 -8.27 -5.50
CA TYR C 22 -45.18 -8.22 -6.24
C TYR C 22 -45.62 -9.65 -6.41
N GLY C 23 -46.76 -9.97 -5.81
CA GLY C 23 -47.31 -11.31 -5.91
C GLY C 23 -46.40 -12.18 -5.09
N SER C 24 -45.79 -13.16 -5.73
CA SER C 24 -44.81 -13.99 -5.09
C SER C 24 -43.34 -13.70 -5.58
N THR C 25 -43.13 -12.73 -6.47
CA THR C 25 -41.78 -12.37 -6.89
C THR C 25 -41.19 -11.34 -5.91
N VAL C 26 -39.98 -11.63 -5.43
CA VAL C 26 -39.25 -10.71 -4.53
C VAL C 26 -37.93 -10.27 -5.17
N LEU C 27 -37.65 -8.97 -5.12
CA LEU C 27 -36.34 -8.47 -5.50
C LEU C 27 -36.09 -7.20 -4.76
N ASN C 28 -35.09 -6.43 -5.16
CA ASN C 28 -34.69 -5.26 -4.39
C ASN C 28 -35.04 -3.99 -5.12
N GLY C 29 -35.12 -2.89 -4.40
CA GLY C 29 -35.26 -1.58 -5.00
C GLY C 29 -34.54 -0.54 -4.19
N VAL C 30 -34.52 0.67 -4.69
CA VAL C 30 -33.78 1.77 -4.13
C VAL C 30 -34.70 2.98 -3.88
N TRP C 31 -34.73 3.40 -2.63
CA TRP C 31 -35.64 4.32 -2.03
C TRP C 31 -34.93 5.62 -1.82
N LEU C 32 -35.27 6.57 -2.66
CA LEU C 32 -34.71 7.90 -2.67
C LEU C 32 -35.90 8.91 -2.67
N GLY C 33 -35.94 9.83 -1.70
CA GLY C 33 -37.13 10.64 -1.47
C GLY C 33 -38.35 9.75 -1.27
N ASP C 34 -39.41 9.99 -2.04
CA ASP C 34 -40.64 9.17 -1.89
C ASP C 34 -40.84 8.23 -3.06
N THR C 35 -39.72 7.83 -3.66
CA THR C 35 -39.75 6.95 -4.83
C THR C 35 -38.83 5.76 -4.65
N VAL C 36 -39.30 4.58 -5.00
CA VAL C 36 -38.53 3.39 -5.02
C VAL C 36 -38.36 2.94 -6.44
N THR C 37 -37.10 2.84 -6.90
CA THR C 37 -36.83 2.31 -8.25
C THR C 37 -36.48 0.87 -8.16
N CYS C 38 -37.03 0.07 -9.08
CA CYS C 38 -36.74 -1.35 -9.10
C CYS C 38 -36.92 -1.86 -10.52
N PRO C 39 -36.44 -3.05 -10.79
CA PRO C 39 -36.62 -3.58 -12.14
C PRO C 39 -38.11 -3.96 -12.40
N ARG C 40 -38.53 -3.69 -13.62
CA ARG C 40 -39.90 -3.91 -13.99
C ARG C 40 -40.30 -5.37 -14.05
N HIS C 41 -39.36 -6.29 -14.16
CA HIS C 41 -39.80 -7.68 -14.19
C HIS C 41 -40.30 -8.22 -12.86
N VAL C 42 -40.27 -7.42 -11.79
CA VAL C 42 -40.98 -7.78 -10.59
C VAL C 42 -42.50 -8.05 -10.85
N ILE C 43 -43.09 -7.37 -11.83
CA ILE C 43 -44.51 -7.61 -12.20
C ILE C 43 -44.68 -8.59 -13.35
N ALA C 44 -43.64 -9.30 -13.73
CA ALA C 44 -43.73 -10.29 -14.80
C ALA C 44 -44.51 -11.46 -14.28
N PRO C 45 -45.40 -12.03 -15.11
CA PRO C 45 -46.14 -13.22 -14.72
C PRO C 45 -45.27 -14.49 -14.61
N SER C 46 -44.12 -14.55 -15.28
CA SER C 46 -43.34 -15.78 -15.27
C SER C 46 -41.83 -15.65 -15.18
N THR C 47 -41.20 -14.89 -16.09
CA THR C 47 -39.74 -14.74 -16.29
C THR C 47 -39.02 -15.93 -17.00
N THR C 48 -39.75 -17.00 -17.33
CA THR C 48 -39.25 -18.14 -18.14
C THR C 48 -39.71 -18.04 -19.63
N VAL C 49 -40.89 -17.47 -19.91
CA VAL C 49 -41.46 -17.25 -21.25
C VAL C 49 -41.36 -15.76 -21.63
N LEU C 50 -41.47 -15.42 -22.92
CA LEU C 50 -41.33 -14.01 -23.36
C LEU C 50 -42.43 -13.11 -22.70
N ILE C 51 -42.07 -11.90 -22.30
CA ILE C 51 -42.94 -11.08 -21.43
C ILE C 51 -43.52 -9.92 -22.22
N ASP C 52 -44.86 -9.78 -22.18
CA ASP C 52 -45.51 -8.58 -22.71
C ASP C 52 -45.60 -7.56 -21.56
N TYR C 53 -44.68 -6.60 -21.58
CA TYR C 53 -44.59 -5.67 -20.45
C TYR C 53 -45.72 -4.69 -20.38
N ASP C 54 -46.14 -4.21 -21.55
CA ASP C 54 -47.33 -3.36 -21.74
C ASP C 54 -48.55 -3.98 -21.05
N HIS C 55 -48.82 -5.26 -21.34
CA HIS C 55 -49.90 -5.97 -20.71
C HIS C 55 -49.69 -6.12 -19.20
N ALA C 56 -48.46 -6.46 -18.78
CA ALA C 56 -48.26 -6.71 -17.35
C ALA C 56 -48.43 -5.44 -16.55
N TYR C 57 -47.96 -4.31 -17.09
CA TYR C 57 -48.12 -3.01 -16.43
C TYR C 57 -49.60 -2.55 -16.41
N SER C 58 -50.30 -2.74 -17.52
CA SER C 58 -51.73 -2.36 -17.61
C SER C 58 -52.60 -3.13 -16.68
N THR C 59 -52.36 -4.44 -16.56
CA THR C 59 -53.08 -5.26 -15.57
C THR C 59 -52.48 -5.27 -14.15
N MET C 60 -51.42 -4.54 -13.91
CA MET C 60 -50.82 -4.54 -12.58
C MET C 60 -51.78 -3.88 -11.57
N ARG C 61 -51.89 -4.45 -10.38
CA ARG C 61 -52.63 -3.83 -9.29
C ARG C 61 -51.76 -3.50 -8.08
N LEU C 62 -51.88 -2.29 -7.60
CA LEU C 62 -51.13 -1.80 -6.46
C LEU C 62 -51.25 -2.65 -5.19
N HIS C 63 -52.41 -3.23 -4.94
CA HIS C 63 -52.61 -4.02 -3.71
C HIS C 63 -51.71 -5.27 -3.68
N ASN C 64 -51.22 -5.71 -4.84
CA ASN C 64 -50.23 -6.81 -4.87
C ASN C 64 -48.77 -6.46 -4.50
N PHE C 65 -48.39 -5.18 -4.48
CA PHE C 65 -47.09 -4.76 -4.01
C PHE C 65 -46.99 -4.81 -2.51
N SER C 66 -45.85 -5.25 -1.99
CA SER C 66 -45.44 -4.93 -0.61
C SER C 66 -43.95 -4.53 -0.62
N VAL C 67 -43.68 -3.34 -0.15
CA VAL C 67 -42.44 -2.72 -0.13
C VAL C 67 -42.12 -2.40 1.34
N SER C 68 -40.91 -2.83 1.78
CA SER C 68 -40.43 -2.65 3.18
C SER C 68 -38.90 -2.38 3.26
N HIS C 69 -38.51 -1.67 4.32
CA HIS C 69 -37.14 -1.32 4.67
C HIS C 69 -36.83 -1.80 6.10
N ASN C 70 -35.96 -2.81 6.18
CA ASN C 70 -35.60 -3.47 7.43
C ASN C 70 -36.90 -3.88 8.14
N GLY C 71 -37.77 -4.60 7.43
CA GLY C 71 -39.09 -4.98 7.95
C GLY C 71 -40.23 -3.96 8.20
N VAL C 72 -39.97 -2.64 8.04
CA VAL C 72 -40.99 -1.56 8.25
C VAL C 72 -41.69 -1.32 6.90
N PHE C 73 -43.01 -1.52 6.87
CA PHE C 73 -43.72 -1.38 5.58
C PHE C 73 -43.87 0.07 5.13
N LEU C 74 -43.83 0.21 3.81
CA LEU C 74 -43.99 1.49 3.13
C LEU C 74 -45.33 1.40 2.38
N GLY C 75 -46.05 2.50 2.34
CA GLY C 75 -47.35 2.51 1.64
C GLY C 75 -47.17 2.88 0.18
N VAL C 76 -47.56 1.97 -0.73
CA VAL C 76 -47.52 2.25 -2.14
C VAL C 76 -48.72 3.13 -2.60
N VAL C 77 -48.40 4.30 -3.16
CA VAL C 77 -49.41 5.15 -3.78
C VAL C 77 -49.49 5.09 -5.28
N GLY C 78 -48.40 4.83 -6.00
CA GLY C 78 -48.50 4.60 -7.44
C GLY C 78 -47.23 4.11 -8.11
N VAL C 79 -47.35 3.71 -9.36
CA VAL C 79 -46.29 3.14 -10.12
C VAL C 79 -46.31 3.60 -11.55
N THR C 80 -45.21 4.19 -12.02
CA THR C 80 -44.98 4.36 -13.44
C THR C 80 -43.86 3.45 -13.97
N MET C 81 -43.82 3.23 -15.29
CA MET C 81 -42.85 2.39 -15.94
C MET C 81 -41.96 3.20 -16.85
N HIS C 82 -40.63 3.12 -16.68
CA HIS C 82 -39.68 3.82 -17.52
C HIS C 82 -38.59 2.84 -18.01
N GLY C 83 -38.57 2.60 -19.32
CA GLY C 83 -37.84 1.50 -19.90
C GLY C 83 -37.97 0.28 -19.01
N SER C 84 -36.83 -0.19 -18.46
CA SER C 84 -36.78 -1.46 -17.73
C SER C 84 -36.95 -1.30 -16.25
N VAL C 85 -37.28 -0.09 -15.76
CA VAL C 85 -37.61 0.04 -14.33
C VAL C 85 -39.02 0.53 -14.02
N LEU C 86 -39.47 0.26 -12.78
CA LEU C 86 -40.65 0.87 -12.21
C LEU C 86 -40.23 1.98 -11.27
N ARG C 87 -40.99 3.09 -11.22
CA ARG C 87 -40.87 4.05 -10.14
C ARG C 87 -42.11 4.00 -9.31
N ILE C 88 -41.93 3.47 -8.11
CA ILE C 88 -42.97 3.22 -7.19
C ILE C 88 -42.99 4.38 -6.25
N LYS C 89 -44.07 5.15 -6.33
CA LYS C 89 -44.27 6.30 -5.45
C LYS C 89 -44.78 5.73 -4.13
N VAL C 90 -44.19 6.15 -3.00
CA VAL C 90 -44.64 5.69 -1.69
C VAL C 90 -44.95 6.85 -0.75
N SER C 91 -45.64 6.57 0.36
CA SER C 91 -46.10 7.69 1.25
C SER C 91 -44.96 8.35 1.98
N GLN C 92 -44.02 7.51 2.44
CA GLN C 92 -42.93 7.96 3.33
C GLN C 92 -41.71 8.36 2.49
N SER C 93 -41.13 9.49 2.82
CA SER C 93 -39.90 9.95 2.21
C SER C 93 -38.71 9.34 3.03
N ASN C 94 -37.69 8.81 2.35
CA ASN C 94 -36.51 8.20 3.01
C ASN C 94 -35.74 9.34 3.64
N VAL C 95 -35.77 9.36 4.98
CA VAL C 95 -35.07 10.47 5.66
C VAL C 95 -33.55 10.31 5.56
N HIS C 96 -33.07 9.10 5.24
CA HIS C 96 -31.63 8.88 5.00
C HIS C 96 -31.23 9.00 3.55
N THR C 97 -32.05 9.64 2.73
CA THR C 97 -31.69 9.89 1.35
C THR C 97 -30.40 10.70 1.27
N PRO C 98 -29.34 10.14 0.65
CA PRO C 98 -28.10 10.95 0.53
C PRO C 98 -28.24 11.96 -0.60
N LYS C 99 -27.44 13.01 -0.57
CA LYS C 99 -27.31 13.90 -1.71
C LYS C 99 -26.87 13.04 -2.93
N HIS C 100 -27.58 13.14 -4.03
CA HIS C 100 -27.30 12.26 -5.12
C HIS C 100 -27.69 12.78 -6.49
N VAL C 101 -27.24 12.03 -7.49
CA VAL C 101 -27.40 12.31 -8.85
C VAL C 101 -27.58 10.96 -9.54
N PHE C 102 -28.18 10.95 -10.73
CA PHE C 102 -28.17 9.74 -11.56
C PHE C 102 -27.13 9.93 -12.62
N LYS C 103 -26.35 8.89 -12.88
CA LYS C 103 -25.34 8.96 -13.92
C LYS C 103 -25.29 7.69 -14.69
N THR C 104 -25.16 7.81 -16.02
CA THR C 104 -25.04 6.66 -16.91
C THR C 104 -23.52 6.39 -17.17
N LEU C 105 -23.08 5.18 -16.89
CA LEU C 105 -21.68 4.78 -17.06
C LEU C 105 -21.33 4.62 -18.54
N LYS C 106 -20.04 4.75 -18.82
CA LYS C 106 -19.45 4.51 -20.14
C LYS C 106 -18.48 3.36 -19.92
N PRO C 107 -18.28 2.56 -20.96
CA PRO C 107 -17.24 1.53 -20.92
C PRO C 107 -15.93 2.04 -20.36
N GLY C 108 -15.33 1.22 -19.52
CA GLY C 108 -14.17 1.61 -18.76
C GLY C 108 -14.34 2.37 -17.46
N ASP C 109 -15.56 2.80 -17.15
CA ASP C 109 -15.79 3.43 -15.83
C ASP C 109 -15.78 2.33 -14.77
N SER C 110 -15.13 2.60 -13.65
CA SER C 110 -15.24 1.74 -12.47
C SER C 110 -16.43 2.18 -11.61
N PHE C 111 -16.99 1.25 -10.83
CA PHE C 111 -18.04 1.57 -9.88
C PHE C 111 -18.18 0.47 -8.85
N ASN C 112 -19.15 0.61 -7.95
CA ASN C 112 -19.34 -0.30 -6.85
C ASN C 112 -20.69 -0.92 -6.96
N ILE C 113 -20.78 -2.19 -6.65
CA ILE C 113 -22.02 -2.94 -6.60
C ILE C 113 -22.27 -3.35 -5.17
N LEU C 114 -23.48 -3.07 -4.67
CA LEU C 114 -23.97 -3.54 -3.43
C LEU C 114 -24.94 -4.68 -3.73
N ALA C 115 -24.49 -5.89 -3.59
CA ALA C 115 -25.29 -7.08 -3.87
C ALA C 115 -26.30 -7.27 -2.75
N CYS C 116 -27.58 -7.38 -3.10
CA CYS C 116 -28.65 -7.45 -2.12
C CYS C 116 -29.59 -8.60 -2.38
N TYR C 117 -30.21 -9.10 -1.32
CA TYR C 117 -31.20 -10.19 -1.38
C TYR C 117 -32.29 -9.83 -0.37
N GLU C 118 -33.56 -9.85 -0.85
CA GLU C 118 -34.71 -9.55 0.01
C GLU C 118 -34.60 -8.22 0.66
N GLY C 119 -33.98 -7.24 0.01
CA GLY C 119 -33.91 -5.88 0.62
C GLY C 119 -32.77 -5.61 1.52
N ILE C 120 -31.88 -6.60 1.67
CA ILE C 120 -30.77 -6.57 2.64
C ILE C 120 -29.44 -6.75 1.90
N ALA C 121 -28.57 -5.79 2.09
CA ALA C 121 -27.22 -5.94 1.51
C ALA C 121 -26.48 -7.16 2.10
N SER C 122 -25.86 -7.91 1.21
CA SER C 122 -25.09 -9.07 1.51
C SER C 122 -23.55 -8.89 1.26
N GLY C 123 -23.18 -8.05 0.31
CA GLY C 123 -21.80 -7.96 -0.14
C GLY C 123 -21.56 -6.71 -0.99
N VAL C 124 -20.32 -6.28 -1.08
CA VAL C 124 -20.00 -5.07 -1.76
C VAL C 124 -18.68 -5.22 -2.45
N PHE C 125 -18.59 -4.79 -3.69
CA PHE C 125 -17.40 -4.99 -4.47
C PHE C 125 -17.27 -3.98 -5.60
N GLY C 126 -16.04 -3.68 -5.95
CA GLY C 126 -15.72 -2.80 -7.09
C GLY C 126 -15.70 -3.56 -8.39
N VAL C 127 -16.08 -2.93 -9.52
CA VAL C 127 -16.18 -3.57 -10.82
C VAL C 127 -16.06 -2.52 -11.87
N ASN C 128 -15.84 -2.96 -13.12
CA ASN C 128 -15.66 -2.05 -14.26
C ASN C 128 -16.74 -2.37 -15.27
N LEU C 129 -17.31 -1.33 -15.87
CA LEU C 129 -18.16 -1.55 -17.03
C LEU C 129 -17.28 -1.89 -18.21
N ARG C 130 -17.47 -3.07 -18.75
CA ARG C 130 -16.64 -3.52 -19.88
C ARG C 130 -17.02 -2.93 -21.20
N THR C 131 -16.20 -3.18 -22.21
CA THR C 131 -16.44 -2.60 -23.55
C THR C 131 -17.67 -3.17 -24.17
N ASN C 132 -18.04 -4.39 -23.78
CA ASN C 132 -19.25 -5.02 -24.24
C ASN C 132 -20.50 -4.76 -23.36
N PHE C 133 -20.44 -3.73 -22.53
CA PHE C 133 -21.54 -3.27 -21.71
C PHE C 133 -22.01 -4.23 -20.62
N THR C 134 -21.23 -5.26 -20.36
CA THR C 134 -21.48 -6.13 -19.21
C THR C 134 -20.51 -5.84 -18.05
N ILE C 135 -20.74 -6.54 -16.94
CA ILE C 135 -19.81 -6.65 -15.87
C ILE C 135 -19.69 -8.07 -15.47
N LYS C 136 -18.62 -8.38 -14.72
CA LYS C 136 -18.42 -9.71 -14.17
C LYS C 136 -18.62 -9.62 -12.68
N GLY C 137 -19.78 -10.04 -12.23
CA GLY C 137 -20.16 -9.90 -10.85
C GLY C 137 -20.38 -11.27 -10.31
N SER C 138 -21.06 -11.33 -9.18
CA SER C 138 -21.44 -12.56 -8.58
C SER C 138 -22.83 -12.27 -8.06
N PHE C 139 -23.81 -12.87 -8.72
CA PHE C 139 -25.23 -12.66 -8.38
C PHE C 139 -26.00 -13.96 -8.54
N ILE C 140 -26.86 -14.29 -7.61
CA ILE C 140 -27.82 -15.39 -7.84
C ILE C 140 -29.28 -14.86 -7.75
N ASN C 141 -30.24 -15.79 -7.89
CA ASN C 141 -31.66 -15.47 -7.87
C ASN C 141 -31.95 -14.62 -6.65
N GLY C 142 -32.61 -13.49 -6.89
CA GLY C 142 -32.92 -12.54 -5.84
C GLY C 142 -32.13 -11.26 -5.90
N ALA C 143 -31.05 -11.24 -6.70
CA ALA C 143 -30.12 -10.10 -6.73
C ALA C 143 -30.61 -8.96 -7.52
N CYS C 144 -31.59 -9.21 -8.41
CA CYS C 144 -32.11 -8.11 -9.25
C CYS C 144 -32.55 -6.94 -8.41
N GLY C 145 -32.19 -5.78 -8.92
CA GLY C 145 -32.34 -4.59 -8.17
C GLY C 145 -31.17 -4.15 -7.35
N SER C 146 -30.14 -5.01 -7.16
CA SER C 146 -28.93 -4.57 -6.45
C SER C 146 -28.39 -3.33 -7.12
N PRO C 147 -28.08 -2.28 -6.37
CA PRO C 147 -27.61 -1.05 -7.01
C PRO C 147 -26.10 -0.97 -7.21
N GLY C 148 -25.69 -0.18 -8.20
CA GLY C 148 -24.34 0.24 -8.36
C GLY C 148 -24.20 1.71 -8.19
N TYR C 149 -23.05 2.16 -7.71
CA TYR C 149 -22.87 3.55 -7.30
C TYR C 149 -21.41 3.96 -7.32
N ASN C 150 -21.17 5.25 -7.37
CA ASN C 150 -19.93 5.87 -7.01
C ASN C 150 -20.20 7.01 -6.06
N VAL C 151 -19.20 7.35 -5.29
CA VAL C 151 -19.32 8.46 -4.33
C VAL C 151 -18.26 9.45 -4.70
N ARG C 152 -18.67 10.67 -4.98
CA ARG C 152 -17.73 11.71 -5.42
C ARG C 152 -17.01 12.21 -4.18
N ASN C 153 -15.98 13.01 -4.39
CA ASN C 153 -15.20 13.62 -3.26
C ASN C 153 -16.02 14.49 -2.31
N ASP C 154 -17.02 15.20 -2.86
CA ASP C 154 -17.96 15.99 -2.04
C ASP C 154 -19.04 15.19 -1.28
N GLY C 155 -19.10 13.84 -1.40
CA GLY C 155 -20.08 13.00 -0.66
C GLY C 155 -21.34 12.63 -1.45
N THR C 156 -21.40 13.15 -2.69
CA THR C 156 -22.55 13.00 -3.60
C THR C 156 -22.55 11.62 -4.21
N VAL C 157 -23.65 10.88 -4.04
CA VAL C 157 -23.72 9.53 -4.60
C VAL C 157 -24.20 9.58 -6.04
N GLU C 158 -23.44 9.02 -6.97
CA GLU C 158 -23.93 8.76 -8.31
C GLU C 158 -24.52 7.38 -8.36
N PHE C 159 -25.83 7.30 -8.58
CA PHE C 159 -26.47 6.00 -8.76
C PHE C 159 -26.43 5.70 -10.23
N CYS C 160 -25.87 4.57 -10.57
N CYS C 160 -25.93 4.53 -10.58
CA CYS C 160 -25.57 4.28 -11.97
CA CYS C 160 -25.45 4.19 -11.94
C CYS C 160 -25.89 2.89 -12.52
C CYS C 160 -25.95 2.88 -12.54
N TYR C 161 -26.46 2.01 -11.69
CA TYR C 161 -26.70 0.64 -12.14
C TYR C 161 -27.77 0.07 -11.27
N LEU C 162 -28.59 -0.80 -11.85
CA LEU C 162 -29.47 -1.66 -11.11
C LEU C 162 -29.41 -2.96 -11.80
N HIS C 163 -29.18 -4.01 -11.05
CA HIS C 163 -28.98 -5.29 -11.63
C HIS C 163 -30.29 -5.83 -12.26
N GLN C 164 -30.17 -6.34 -13.49
CA GLN C 164 -31.28 -6.79 -14.30
C GLN C 164 -31.12 -8.24 -14.74
N ILE C 165 -30.01 -8.60 -15.37
CA ILE C 165 -29.93 -9.90 -16.02
C ILE C 165 -28.51 -10.54 -15.97
N GLU C 166 -28.54 -11.87 -16.02
CA GLU C 166 -27.43 -12.70 -16.33
C GLU C 166 -27.61 -13.34 -17.71
N LEU C 167 -26.71 -13.01 -18.63
CA LEU C 167 -26.61 -13.63 -19.96
C LEU C 167 -26.21 -15.09 -19.89
N GLY C 168 -26.32 -15.79 -21.02
CA GLY C 168 -25.99 -17.23 -21.07
C GLY C 168 -24.54 -17.49 -20.73
N SER C 169 -23.68 -16.56 -21.13
CA SER C 169 -22.27 -16.63 -20.74
C SER C 169 -21.98 -16.53 -19.25
N GLY C 170 -22.91 -16.07 -18.42
CA GLY C 170 -22.61 -15.72 -16.99
C GLY C 170 -22.31 -14.23 -16.78
N ALA C 171 -22.12 -13.47 -17.86
CA ALA C 171 -21.92 -12.04 -17.74
C ALA C 171 -23.20 -11.31 -17.31
N HIS C 172 -23.00 -10.18 -16.63
CA HIS C 172 -24.06 -9.47 -15.94
C HIS C 172 -24.40 -8.15 -16.56
N VAL C 173 -25.72 -7.85 -16.63
CA VAL C 173 -26.18 -6.61 -17.22
C VAL C 173 -27.16 -5.88 -16.30
N GLY C 174 -27.03 -4.57 -16.25
CA GLY C 174 -27.99 -3.78 -15.51
C GLY C 174 -28.54 -2.64 -16.35
N SER C 175 -29.37 -1.81 -15.70
CA SER C 175 -29.84 -0.63 -16.37
C SER C 175 -29.34 0.53 -15.55
N ASP C 176 -29.33 1.75 -16.11
CA ASP C 176 -29.25 2.93 -15.30
C ASP C 176 -30.65 3.23 -14.64
N PHE C 177 -30.74 4.33 -13.92
CA PHE C 177 -31.92 4.65 -13.16
C PHE C 177 -33.01 5.33 -14.03
N THR C 178 -32.70 5.62 -15.30
CA THR C 178 -33.68 6.06 -16.28
C THR C 178 -34.39 4.85 -16.89
N GLY C 179 -33.91 3.64 -16.64
CA GLY C 179 -34.47 2.45 -17.26
C GLY C 179 -33.80 2.02 -18.56
N SER C 180 -32.82 2.76 -19.09
CA SER C 180 -32.01 2.23 -20.26
C SER C 180 -31.12 1.08 -19.80
N VAL C 181 -31.25 -0.06 -20.47
CA VAL C 181 -30.38 -1.19 -20.24
C VAL C 181 -29.02 -0.90 -20.90
N TYR C 182 -27.94 -1.11 -20.17
CA TYR C 182 -26.61 -0.89 -20.73
C TYR C 182 -26.46 -1.79 -21.93
N GLY C 183 -25.91 -1.22 -23.00
CA GLY C 183 -25.73 -1.92 -24.26
C GLY C 183 -26.96 -2.37 -25.02
N ASN C 184 -28.11 -1.79 -24.68
CA ASN C 184 -29.40 -2.23 -25.27
C ASN C 184 -29.69 -3.71 -25.23
N PHE C 185 -29.19 -4.45 -24.25
CA PHE C 185 -29.73 -5.75 -24.04
C PHE C 185 -31.21 -5.61 -23.62
N ASP C 186 -31.88 -6.73 -23.58
CA ASP C 186 -33.26 -6.87 -23.35
C ASP C 186 -33.41 -7.45 -22.01
N ASP C 187 -34.39 -6.96 -21.23
CA ASP C 187 -34.68 -7.47 -19.93
C ASP C 187 -35.70 -8.57 -20.02
N GLN C 188 -35.35 -9.58 -20.80
CA GLN C 188 -36.18 -10.72 -21.14
C GLN C 188 -35.31 -11.98 -21.08
N PRO C 189 -35.88 -13.15 -20.77
CA PRO C 189 -35.07 -14.36 -21.02
C PRO C 189 -34.81 -14.49 -22.53
N SER C 190 -33.58 -14.64 -22.95
CA SER C 190 -33.31 -14.64 -24.38
C SER C 190 -31.98 -15.32 -24.64
N LEU C 191 -31.58 -15.34 -25.90
CA LEU C 191 -30.36 -16.00 -26.28
C LEU C 191 -29.36 -14.93 -26.65
N GLN C 192 -29.55 -13.70 -26.16
CA GLN C 192 -28.57 -12.62 -26.40
C GLN C 192 -27.13 -12.97 -26.06
N VAL C 193 -26.21 -12.42 -26.84
CA VAL C 193 -24.80 -12.73 -26.72
C VAL C 193 -24.02 -11.44 -26.76
N GLU C 194 -23.19 -11.23 -25.74
CA GLU C 194 -22.36 -10.00 -25.66
C GLU C 194 -21.20 -10.08 -26.72
N SER C 195 -20.73 -8.94 -27.24
CA SER C 195 -19.44 -8.91 -27.92
C SER C 195 -18.31 -9.41 -27.04
N ALA C 196 -17.23 -9.82 -27.66
CA ALA C 196 -16.09 -10.31 -26.88
C ALA C 196 -15.48 -9.11 -26.14
N ASN C 197 -15.14 -9.37 -24.88
CA ASN C 197 -14.55 -8.33 -24.09
C ASN C 197 -13.15 -7.86 -24.61
N LEU C 198 -12.94 -6.56 -24.70
CA LEU C 198 -11.64 -5.98 -24.88
C LEU C 198 -10.96 -5.61 -23.50
N MET C 199 -9.72 -6.07 -23.29
CA MET C 199 -8.85 -5.61 -22.21
C MET C 199 -8.74 -4.08 -22.27
N LEU C 200 -8.88 -3.43 -21.13
CA LEU C 200 -8.85 -1.98 -21.05
C LEU C 200 -7.38 -1.50 -20.92
N SER C 201 -6.86 -1.03 -22.03
CA SER C 201 -5.47 -0.67 -22.14
C SER C 201 -5.11 0.45 -21.21
N ASP C 202 -5.99 1.40 -21.00
CA ASP C 202 -5.66 2.52 -20.10
C ASP C 202 -5.39 2.06 -18.69
N ASN C 203 -6.08 0.98 -18.28
CA ASN C 203 -5.97 0.47 -16.94
C ASN C 203 -4.69 -0.33 -16.83
N VAL C 204 -4.37 -1.05 -17.88
CA VAL C 204 -3.16 -1.84 -17.93
C VAL C 204 -1.96 -0.90 -17.81
N VAL C 205 -2.02 0.26 -18.44
CA VAL C 205 -0.95 1.21 -18.32
C VAL C 205 -0.82 1.69 -16.89
N ALA C 206 -1.96 2.07 -16.29
CA ALA C 206 -2.00 2.51 -14.87
C ALA C 206 -1.39 1.50 -13.94
N PHE C 207 -1.76 0.26 -14.16
CA PHE C 207 -1.28 -0.86 -13.38
C PHE C 207 0.26 -1.01 -13.51
N LEU C 208 0.82 -0.84 -14.71
CA LEU C 208 2.26 -0.98 -14.87
C LEU C 208 2.95 0.19 -14.21
N TYR C 209 2.41 1.41 -14.30
CA TYR C 209 2.96 2.48 -13.50
C TYR C 209 2.96 2.13 -12.02
N ALA C 210 1.87 1.55 -11.52
CA ALA C 210 1.82 1.17 -10.11
C ALA C 210 2.91 0.15 -9.81
N ALA C 211 3.13 -0.80 -10.69
CA ALA C 211 4.18 -1.78 -10.49
C ALA C 211 5.54 -1.06 -10.40
N LEU C 212 5.83 -0.11 -11.29
CA LEU C 212 7.11 0.58 -11.22
C LEU C 212 7.32 1.28 -9.86
N LEU C 213 6.28 1.98 -9.45
CA LEU C 213 6.29 2.72 -8.19
C LEU C 213 6.30 1.83 -6.96
N ASN C 214 5.98 0.54 -7.06
CA ASN C 214 6.16 -0.42 -5.95
C ASN C 214 7.48 -1.24 -6.16
N GLY C 215 8.45 -0.67 -6.88
CA GLY C 215 9.71 -1.36 -7.21
C GLY C 215 9.69 -2.68 -8.00
N CYS C 216 8.58 -3.01 -8.69
CA CYS C 216 8.51 -4.18 -9.54
C CYS C 216 8.74 -3.74 -11.01
N ARG C 217 9.93 -4.09 -11.52
CA ARG C 217 10.46 -3.53 -12.78
C ARG C 217 11.06 -4.58 -13.75
N TRP C 218 11.01 -5.86 -13.40
CA TRP C 218 11.63 -6.91 -14.20
C TRP C 218 11.10 -7.02 -15.63
N TRP C 219 9.84 -6.63 -15.81
CA TRP C 219 9.07 -6.86 -17.05
C TRP C 219 9.29 -5.74 -18.06
N LEU C 220 9.91 -4.64 -17.61
CA LEU C 220 10.06 -3.47 -18.43
C LEU C 220 10.99 -3.72 -19.63
N CYS C 221 10.43 -3.66 -20.84
CA CYS C 221 11.20 -3.75 -22.06
C CYS C 221 11.80 -2.42 -22.42
N SER C 222 12.90 -2.45 -23.16
CA SER C 222 13.56 -1.20 -23.57
C SER C 222 13.20 -0.86 -25.03
N THR C 223 12.10 -1.42 -25.52
CA THR C 223 11.49 -1.05 -26.78
C THR C 223 10.46 0.09 -26.56
N ARG C 224 10.20 0.89 -27.59
CA ARG C 224 9.16 1.99 -27.53
C ARG C 224 8.20 1.66 -28.67
N VAL C 225 6.89 1.91 -28.48
CA VAL C 225 5.89 1.86 -29.55
C VAL C 225 5.04 3.12 -29.38
N ASN C 226 4.75 3.83 -30.47
CA ASN C 226 3.88 5.00 -30.38
C ASN C 226 2.38 4.60 -30.32
N VAL C 227 1.54 5.59 -30.05
CA VAL C 227 0.10 5.39 -29.78
C VAL C 227 -0.59 4.67 -30.96
N ASP C 228 -0.38 5.24 -32.16
CA ASP C 228 -1.05 4.74 -33.38
C ASP C 228 -0.68 3.29 -33.66
N GLY C 229 0.58 2.92 -33.45
CA GLY C 229 1.03 1.51 -33.59
C GLY C 229 0.51 0.57 -32.53
N PHE C 230 0.50 1.02 -31.28
CA PHE C 230 -0.14 0.23 -30.21
C PHE C 230 -1.64 0.01 -30.57
N ASN C 231 -2.31 1.09 -30.98
CA ASN C 231 -3.76 1.01 -31.28
C ASN C 231 -4.11 0.03 -32.38
N GLU C 232 -3.23 -0.10 -33.36
CA GLU C 232 -3.35 -1.07 -34.45
C GLU C 232 -3.12 -2.48 -33.94
N TRP C 233 -2.09 -2.64 -33.14
CA TRP C 233 -1.84 -3.92 -32.50
C TRP C 233 -3.06 -4.38 -31.61
N ALA C 234 -3.68 -3.39 -30.95
CA ALA C 234 -4.70 -3.61 -29.93
C ALA C 234 -5.93 -4.27 -30.53
N MET C 235 -6.37 -3.67 -31.65
CA MET C 235 -7.45 -4.17 -32.51
C MET C 235 -7.27 -5.64 -32.86
N ALA C 236 -6.05 -6.01 -33.17
CA ALA C 236 -5.77 -7.38 -33.55
C ALA C 236 -5.67 -8.31 -32.37
N ASN C 237 -5.44 -7.78 -31.17
CA ASN C 237 -5.13 -8.65 -30.00
C ASN C 237 -6.06 -8.63 -28.79
N GLY C 238 -7.17 -7.87 -28.90
CA GLY C 238 -8.24 -7.93 -27.92
C GLY C 238 -8.11 -6.86 -26.84
N TYR C 239 -7.69 -5.68 -27.24
CA TYR C 239 -7.34 -4.60 -26.33
C TYR C 239 -7.98 -3.38 -26.89
N THR C 240 -8.37 -2.45 -26.04
CA THR C 240 -8.81 -1.15 -26.50
C THR C 240 -7.62 -0.35 -26.97
N SER C 241 -7.93 0.73 -27.63
CA SER C 241 -7.01 1.78 -27.79
C SER C 241 -6.61 2.38 -26.47
N VAL C 242 -5.50 3.10 -26.53
CA VAL C 242 -5.04 3.88 -25.41
C VAL C 242 -5.41 5.35 -25.65
N SER C 243 -5.85 6.00 -24.56
CA SER C 243 -6.24 7.41 -24.55
C SER C 243 -5.00 8.27 -24.51
N SER C 244 -5.18 9.57 -24.68
CA SER C 244 -4.07 10.50 -24.76
C SER C 244 -3.00 10.20 -23.69
N VAL C 245 -1.73 10.13 -24.12
CA VAL C 245 -0.61 9.92 -23.21
C VAL C 245 -0.46 11.02 -22.13
N GLU C 246 -1.00 12.22 -22.34
CA GLU C 246 -0.82 13.30 -21.35
C GLU C 246 -1.44 12.99 -19.98
N CYS C 247 -2.50 12.17 -19.98
CA CYS C 247 -3.14 11.65 -18.74
C CYS C 247 -2.09 11.13 -17.75
N TYR C 248 -1.05 10.44 -18.27
CA TYR C 248 -0.08 9.78 -17.45
C TYR C 248 1.16 10.61 -17.10
N SER C 249 1.12 11.92 -17.33
CA SER C 249 2.35 12.74 -17.26
C SER C 249 2.95 12.76 -15.84
N ILE C 250 2.13 12.80 -14.82
CA ILE C 250 2.63 12.78 -13.43
C ILE C 250 3.43 11.50 -13.16
N LEU C 251 2.88 10.36 -13.58
CA LEU C 251 3.52 9.08 -13.31
C LEU C 251 4.72 8.85 -14.23
N ALA C 252 4.64 9.33 -15.48
CA ALA C 252 5.78 9.32 -16.43
C ALA C 252 6.99 10.09 -15.84
N ALA C 253 6.69 11.27 -15.32
CA ALA C 253 7.67 12.08 -14.62
C ALA C 253 8.20 11.35 -13.38
N LYS C 254 7.35 10.87 -12.49
CA LYS C 254 7.86 10.17 -11.28
C LYS C 254 8.71 8.90 -11.58
N THR C 255 8.47 8.21 -12.68
CA THR C 255 9.17 6.96 -12.90
C THR C 255 10.32 7.12 -13.88
N GLY C 256 10.30 8.21 -14.64
CA GLY C 256 11.13 8.36 -15.82
C GLY C 256 10.84 7.39 -16.98
N VAL C 257 9.67 6.73 -16.99
CA VAL C 257 9.26 5.86 -18.08
C VAL C 257 8.05 6.47 -18.80
N SER C 258 8.14 6.48 -20.11
CA SER C 258 7.11 7.06 -20.94
C SER C 258 6.04 6.02 -21.23
N VAL C 259 4.86 6.50 -21.60
CA VAL C 259 3.77 5.59 -21.96
C VAL C 259 4.16 4.64 -23.06
N GLU C 260 4.88 5.19 -24.05
CA GLU C 260 5.30 4.41 -25.26
C GLU C 260 6.12 3.16 -24.88
N GLN C 261 6.94 3.29 -23.82
CA GLN C 261 7.71 2.15 -23.33
C GLN C 261 6.80 1.11 -22.69
N LEU C 262 5.77 1.60 -22.01
CA LEU C 262 4.79 0.67 -21.38
C LEU C 262 3.96 -0.02 -22.43
N LEU C 263 3.57 0.73 -23.47
CA LEU C 263 2.81 0.12 -24.59
C LEU C 263 3.56 -1.05 -25.22
N ALA C 264 4.86 -0.83 -25.46
CA ALA C 264 5.71 -1.92 -26.00
C ALA C 264 5.81 -3.05 -24.99
N SER C 265 5.98 -2.66 -23.72
CA SER C 265 6.03 -3.72 -22.70
C SER C 265 4.72 -4.54 -22.69
N ILE C 266 3.56 -3.90 -22.92
CA ILE C 266 2.29 -4.66 -22.97
C ILE C 266 2.31 -5.69 -24.09
N GLN C 267 2.72 -5.24 -25.27
CA GLN C 267 2.87 -6.14 -26.44
C GLN C 267 3.67 -7.39 -26.11
N HIS C 268 4.82 -7.21 -25.44
CA HIS C 268 5.66 -8.37 -25.04
C HIS C 268 4.91 -9.20 -24.01
N LEU C 269 4.39 -8.54 -22.96
CA LEU C 269 3.81 -9.26 -21.80
C LEU C 269 2.55 -10.03 -22.09
N HIS C 270 1.77 -9.54 -23.09
CA HIS C 270 0.65 -10.29 -23.63
C HIS C 270 0.98 -11.78 -23.89
N GLU C 271 2.22 -12.08 -24.36
CA GLU C 271 2.64 -13.46 -24.67
C GLU C 271 2.82 -14.40 -23.46
N GLY C 272 2.83 -13.86 -22.24
CA GLY C 272 3.00 -14.68 -21.02
C GLY C 272 4.08 -14.10 -20.13
N PHE C 273 3.93 -14.33 -18.83
CA PHE C 273 4.89 -13.80 -17.84
C PHE C 273 6.13 -14.72 -17.67
N GLY C 274 6.04 -15.94 -18.20
CA GLY C 274 7.05 -16.96 -17.99
C GLY C 274 7.21 -17.42 -16.55
N GLY C 275 6.09 -17.56 -15.84
CA GLY C 275 6.11 -17.98 -14.45
C GLY C 275 6.41 -16.91 -13.41
N LYS C 276 6.76 -15.69 -13.82
CA LYS C 276 6.99 -14.58 -12.86
C LYS C 276 5.62 -13.93 -12.52
N ASN C 277 5.65 -12.87 -11.70
CA ASN C 277 4.43 -12.07 -11.44
C ASN C 277 4.68 -10.57 -11.29
N ILE C 278 3.57 -9.81 -11.33
CA ILE C 278 3.61 -8.36 -11.18
C ILE C 278 2.60 -8.01 -10.14
N LEU C 279 3.06 -7.53 -8.98
CA LEU C 279 2.18 -7.26 -7.82
C LEU C 279 1.27 -8.46 -7.50
N GLY C 280 1.84 -9.67 -7.68
CA GLY C 280 1.17 -10.94 -7.46
C GLY C 280 0.30 -11.47 -8.61
N TYR C 281 0.09 -10.70 -9.67
CA TYR C 281 -0.78 -11.11 -10.78
C TYR C 281 0.08 -11.91 -11.75
N SER C 282 -0.42 -13.05 -12.19
CA SER C 282 0.34 -13.91 -13.11
C SER C 282 0.05 -13.58 -14.60
N SER C 283 -0.82 -12.60 -14.87
CA SER C 283 -1.01 -12.04 -16.26
C SER C 283 -1.38 -10.57 -16.17
N LEU C 284 -1.47 -9.87 -17.29
CA LEU C 284 -1.71 -8.46 -17.23
C LEU C 284 -3.05 -8.16 -16.59
N CYS C 285 -3.10 -7.07 -15.82
CA CYS C 285 -4.28 -6.72 -15.03
C CYS C 285 -4.86 -5.37 -15.52
N ASP C 286 -6.13 -5.41 -15.94
CA ASP C 286 -6.89 -4.21 -16.35
C ASP C 286 -8.00 -3.81 -15.36
N GLU C 287 -7.90 -4.33 -14.14
CA GLU C 287 -8.91 -4.19 -13.10
C GLU C 287 -8.91 -2.75 -12.50
N PHE C 288 -7.79 -2.01 -12.57
CA PHE C 288 -7.62 -0.69 -11.90
C PHE C 288 -7.47 0.50 -12.84
N THR C 289 -8.20 1.57 -12.58
CA THR C 289 -8.05 2.76 -13.38
C THR C 289 -6.89 3.57 -12.88
N LEU C 290 -6.51 4.55 -13.69
CA LEU C 290 -5.52 5.53 -13.33
C LEU C 290 -5.85 6.21 -12.01
N ALA C 291 -7.10 6.68 -11.92
CA ALA C 291 -7.59 7.34 -10.68
C ALA C 291 -7.49 6.42 -9.48
N GLU C 292 -7.86 5.15 -9.62
CA GLU C 292 -7.74 4.22 -8.54
C GLU C 292 -6.29 3.99 -8.14
N VAL C 293 -5.36 3.85 -9.09
CA VAL C 293 -3.98 3.63 -8.76
C VAL C 293 -3.46 4.85 -8.03
N VAL C 294 -3.75 6.04 -8.54
CA VAL C 294 -3.28 7.24 -7.90
C VAL C 294 -3.82 7.39 -6.47
N LYS C 295 -5.12 7.13 -6.29
CA LYS C 295 -5.78 7.25 -4.98
C LYS C 295 -5.18 6.25 -4.01
N GLN C 296 -4.98 4.98 -4.43
CA GLN C 296 -4.37 3.99 -3.56
C GLN C 296 -2.89 4.20 -3.23
N MET C 297 -2.14 4.87 -4.09
CA MET C 297 -0.70 5.09 -3.85
C MET C 297 -0.39 6.38 -3.14
N TYR C 298 -1.21 7.39 -3.35
CA TYR C 298 -0.95 8.76 -2.82
C TYR C 298 -2.10 9.45 -2.08
N GLY C 299 -3.30 8.85 -2.00
CA GLY C 299 -4.55 9.54 -1.57
C GLY C 299 -5.03 10.51 -2.65
#